data_1NT4
#
_entry.id   1NT4
#
_cell.length_a   156.263
_cell.length_b   156.263
_cell.length_c   84.575
_cell.angle_alpha   90.00
_cell.angle_beta   90.00
_cell.angle_gamma   120.00
#
_symmetry.space_group_name_H-M   'H 3'
#
loop_
_entity.id
_entity.type
_entity.pdbx_description
1 polymer Glucose-1-phosphatase
2 non-polymer 1-O-phosphono-beta-D-glucopyranose
3 water water
#
_entity_poly.entity_id   1
_entity_poly.type   'polypeptide(L)'
_entity_poly.pdbx_seq_one_letter_code
;QTVPEGYQLQQVLMMSRANLRAPLANNGSVLEQSTPNKWPEWDVPGGQLTTKGGVLEVYMGHYMREWLAEQGMVKSGECP
PPYTVYAYANSLQRTVATAQFFITGAFPGCDIPVHHQEKMGTMDPTFNPVITDDSAAFSEQAVAAMEKELSKLQLTDSYQ
LLEKIVNYKDSPACKEKQQCSLVDGKNTFSAKYQQEPGVSGPLKVGNSLVDAFTLQYYEGFPMDQVAWGEIKSDQQWKVL
SKLKNGYQDSLFTSPEVARNVAKPLVSYIDKALVTDRTSAPKITVLVGHDSNIASLLTALDFKPYQLHDQNERTPIGGKI
VFQRWHDSKANRDLMKIEYVYQSAEQLRNADALTLQAPAQRVTLELSGCPIDADGFCPMDKFDSVLNEAVK
;
_entity_poly.pdbx_strand_id   A,B
#
loop_
_chem_comp.id
_chem_comp.type
_chem_comp.name
_chem_comp.formula
XGP D-saccharide 1-O-phosphono-beta-D-glucopyranose 'C6 H13 O9 P'
#
# COMPACT_ATOMS: atom_id res chain seq x y z
N GLN A 1 30.59 -38.66 -3.57
CA GLN A 1 31.19 -39.28 -2.35
C GLN A 1 30.33 -40.44 -1.84
N THR A 2 30.96 -41.36 -1.13
CA THR A 2 30.28 -42.53 -0.59
C THR A 2 30.92 -42.90 0.75
N VAL A 3 30.11 -42.88 1.81
CA VAL A 3 30.57 -43.21 3.15
C VAL A 3 31.37 -44.51 3.19
N PRO A 4 32.46 -44.53 3.97
CA PRO A 4 33.23 -45.77 4.02
C PRO A 4 32.64 -46.81 4.95
N GLU A 5 32.98 -48.05 4.67
CA GLU A 5 32.56 -49.22 5.41
C GLU A 5 32.99 -49.14 6.88
N GLY A 6 32.17 -49.66 7.78
CA GLY A 6 32.53 -49.62 9.18
C GLY A 6 31.95 -48.44 9.93
N TYR A 7 31.35 -47.50 9.19
CA TYR A 7 30.75 -46.32 9.80
C TYR A 7 29.23 -46.43 9.90
N GLN A 8 28.69 -46.11 11.08
CA GLN A 8 27.25 -46.14 11.27
C GLN A 8 26.76 -44.74 11.65
N LEU A 9 25.81 -44.22 10.88
CA LEU A 9 25.25 -42.91 11.13
C LEU A 9 24.49 -43.00 12.47
N GLN A 10 24.61 -41.96 13.29
CA GLN A 10 23.98 -41.96 14.61
C GLN A 10 22.98 -40.85 14.86
N GLN A 11 23.26 -39.67 14.31
CA GLN A 11 22.36 -38.53 14.52
C GLN A 11 22.41 -37.56 13.35
N VAL A 12 21.24 -37.07 12.96
CA VAL A 12 21.14 -36.12 11.86
C VAL A 12 20.44 -34.83 12.27
N LEU A 13 20.97 -33.71 11.80
CA LEU A 13 20.38 -32.40 12.06
C LEU A 13 20.44 -31.61 10.75
N MET A 14 19.29 -31.27 10.20
CA MET A 14 19.22 -30.53 8.95
C MET A 14 18.80 -29.08 9.15
N MET A 15 19.53 -28.15 8.54
CA MET A 15 19.16 -26.74 8.60
C MET A 15 18.63 -26.43 7.19
N SER A 16 17.30 -26.43 7.06
CA SER A 16 16.62 -26.22 5.77
C SER A 16 16.18 -24.81 5.47
N ARG A 17 15.99 -24.49 4.18
CA ARG A 17 15.61 -23.15 3.79
C ARG A 17 14.30 -22.92 3.03
N ALA A 18 13.26 -23.70 3.29
CA ALA A 18 11.98 -23.48 2.59
C ALA A 18 12.14 -23.56 1.08
N ASN A 19 11.14 -24.05 0.36
CA ASN A 19 11.31 -24.18 -1.08
C ASN A 19 10.77 -23.01 -1.89
N LEU A 20 10.45 -23.30 -3.15
CA LEU A 20 9.95 -22.29 -4.07
C LEU A 20 8.85 -21.45 -3.46
N ARG A 21 9.12 -20.15 -3.38
CA ARG A 21 8.17 -19.20 -2.84
C ARG A 21 8.05 -18.06 -3.83
N ALA A 22 6.97 -17.30 -3.71
CA ALA A 22 6.77 -16.15 -4.59
C ALA A 22 7.66 -15.05 -4.05
N PRO A 23 7.98 -14.06 -4.88
CA PRO A 23 8.83 -12.97 -4.41
C PRO A 23 8.23 -12.27 -3.19
N LEU A 24 9.09 -11.82 -2.29
CA LEU A 24 8.66 -11.15 -1.07
C LEU A 24 7.80 -9.93 -1.34
N ALA A 25 6.60 -9.92 -0.75
CA ALA A 25 5.68 -8.81 -0.93
C ALA A 25 6.38 -7.55 -0.37
N ASN A 26 7.20 -7.78 0.64
CA ASN A 26 7.97 -6.73 1.30
C ASN A 26 8.80 -5.93 0.28
N ASN A 27 9.09 -6.55 -0.86
CA ASN A 27 9.85 -5.89 -1.92
C ASN A 27 8.93 -5.43 -3.05
N GLY A 28 7.63 -5.51 -2.81
CA GLY A 28 6.65 -5.13 -3.82
C GLY A 28 6.83 -3.78 -4.51
N SER A 29 7.06 -2.72 -3.74
CA SER A 29 7.22 -1.39 -4.34
C SER A 29 8.57 -1.09 -4.98
N VAL A 30 9.63 -1.80 -4.59
CA VAL A 30 10.93 -1.54 -5.18
C VAL A 30 11.07 -2.20 -6.54
N LEU A 31 10.20 -3.16 -6.82
CA LEU A 31 10.21 -3.82 -8.12
C LEU A 31 9.43 -2.96 -9.13
N GLU A 32 8.40 -2.27 -8.64
CA GLU A 32 7.56 -1.40 -9.46
C GLU A 32 8.36 -0.16 -9.85
N GLN A 33 9.16 0.29 -8.89
CA GLN A 33 10.02 1.48 -9.04
C GLN A 33 11.14 1.27 -10.02
N SER A 34 11.77 0.10 -9.96
CA SER A 34 12.92 -0.25 -10.78
C SER A 34 12.76 -0.51 -12.25
N THR A 35 11.53 -0.46 -12.76
CA THR A 35 11.32 -0.71 -14.19
C THR A 35 9.91 -0.31 -14.68
N PRO A 36 9.77 0.03 -15.97
CA PRO A 36 8.48 0.42 -16.54
C PRO A 36 7.65 -0.80 -16.95
N ASN A 37 8.24 -1.98 -16.79
CA ASN A 37 7.58 -3.21 -17.18
C ASN A 37 6.57 -3.81 -16.21
N LYS A 38 5.76 -4.72 -16.75
CA LYS A 38 4.73 -5.40 -15.98
C LYS A 38 5.36 -6.64 -15.36
N TRP A 39 5.01 -6.93 -14.11
CA TRP A 39 5.54 -8.10 -13.43
C TRP A 39 4.55 -9.24 -13.52
N PRO A 40 4.99 -10.42 -14.00
CA PRO A 40 4.04 -11.52 -14.07
C PRO A 40 3.33 -11.76 -12.72
N GLU A 41 2.22 -12.47 -12.77
CA GLU A 41 1.47 -12.75 -11.56
C GLU A 41 1.84 -14.11 -10.95
N TRP A 42 1.41 -14.33 -9.71
CA TRP A 42 1.63 -15.60 -9.00
C TRP A 42 0.29 -15.89 -8.37
N ASP A 43 -0.06 -17.17 -8.19
CA ASP A 43 -1.35 -17.48 -7.60
C ASP A 43 -1.29 -17.47 -6.07
N VAL A 44 -0.07 -17.40 -5.56
CA VAL A 44 0.15 -17.37 -4.13
C VAL A 44 0.42 -15.92 -3.74
N PRO A 45 -0.04 -15.51 -2.55
CA PRO A 45 0.23 -14.12 -2.18
C PRO A 45 1.67 -13.86 -1.78
N GLY A 46 1.88 -12.67 -1.20
CA GLY A 46 3.18 -12.21 -0.76
C GLY A 46 4.32 -13.15 -1.03
N GLY A 47 4.93 -13.64 0.05
CA GLY A 47 6.04 -14.57 -0.09
C GLY A 47 5.71 -15.91 0.54
N GLN A 48 4.66 -16.55 0.02
CA GLN A 48 4.25 -17.86 0.51
C GLN A 48 4.86 -18.88 -0.43
N LEU A 49 5.04 -20.14 -0.03
CA LEU A 49 5.61 -21.04 -1.03
C LEU A 49 4.53 -21.47 -2.01
N THR A 50 4.95 -21.84 -3.20
CA THR A 50 4.01 -22.24 -4.24
C THR A 50 3.70 -23.72 -4.12
N THR A 51 2.72 -24.18 -4.91
CA THR A 51 2.36 -25.59 -4.90
C THR A 51 3.52 -26.37 -5.48
N LYS A 52 4.24 -25.76 -6.41
CA LYS A 52 5.39 -26.44 -6.97
C LYS A 52 6.44 -26.54 -5.86
N GLY A 53 6.59 -25.48 -5.07
CA GLY A 53 7.56 -25.54 -3.99
C GLY A 53 7.31 -26.75 -3.11
N GLY A 54 6.02 -27.02 -2.85
CA GLY A 54 5.66 -28.15 -2.01
C GLY A 54 5.97 -29.48 -2.68
N VAL A 55 5.71 -29.53 -3.98
CA VAL A 55 5.95 -30.72 -4.79
C VAL A 55 7.45 -31.01 -4.81
N LEU A 56 8.24 -29.96 -4.98
CA LEU A 56 9.69 -30.10 -5.00
C LEU A 56 10.23 -30.55 -3.64
N GLU A 57 9.57 -30.11 -2.56
CA GLU A 57 10.00 -30.47 -1.21
C GLU A 57 9.63 -31.90 -0.89
N VAL A 58 8.56 -32.38 -1.51
CA VAL A 58 8.12 -33.75 -1.31
C VAL A 58 9.20 -34.68 -1.86
N TYR A 59 9.75 -34.28 -3.01
CA TYR A 59 10.79 -35.06 -3.64
C TYR A 59 12.00 -35.05 -2.72
N MET A 60 12.30 -33.88 -2.18
CA MET A 60 13.44 -33.71 -1.29
C MET A 60 13.30 -34.62 -0.05
N GLY A 61 12.09 -34.71 0.48
CA GLY A 61 11.84 -35.55 1.63
C GLY A 61 11.91 -37.02 1.29
N HIS A 62 11.48 -37.37 0.08
CA HIS A 62 11.53 -38.76 -0.36
C HIS A 62 12.98 -39.18 -0.54
N TYR A 63 13.80 -38.27 -1.06
CA TYR A 63 15.21 -38.59 -1.26
C TYR A 63 15.90 -38.74 0.09
N MET A 64 15.59 -37.83 1.01
CA MET A 64 16.18 -37.87 2.33
C MET A 64 15.78 -39.16 3.03
N ARG A 65 14.53 -39.59 2.85
CA ARG A 65 14.09 -40.82 3.46
C ARG A 65 14.90 -41.99 2.88
N GLU A 66 14.93 -42.13 1.55
CA GLU A 66 15.69 -43.23 0.97
C GLU A 66 17.12 -43.23 1.50
N TRP A 67 17.73 -42.06 1.62
CA TRP A 67 19.10 -41.97 2.12
C TRP A 67 19.24 -42.37 3.60
N LEU A 68 18.29 -41.94 4.42
CA LEU A 68 18.28 -42.25 5.83
C LEU A 68 18.05 -43.74 6.05
N ALA A 69 17.16 -44.35 5.27
CA ALA A 69 16.91 -45.78 5.43
C ALA A 69 18.18 -46.55 5.04
N GLU A 70 18.72 -46.22 3.88
CA GLU A 70 19.94 -46.82 3.36
C GLU A 70 21.07 -46.77 4.37
N GLN A 71 21.03 -45.75 5.23
CA GLN A 71 22.05 -45.56 6.24
C GLN A 71 21.67 -46.12 7.62
N GLY A 72 20.61 -46.93 7.64
CA GLY A 72 20.14 -47.57 8.86
C GLY A 72 19.49 -46.69 9.92
N MET A 73 19.26 -45.42 9.62
CA MET A 73 18.64 -44.50 10.59
C MET A 73 17.14 -44.77 10.72
N VAL A 74 16.56 -45.27 9.64
CA VAL A 74 15.14 -45.55 9.58
C VAL A 74 14.95 -46.72 8.61
N LYS A 75 13.77 -47.30 8.59
CA LYS A 75 13.49 -48.40 7.67
C LYS A 75 12.62 -47.83 6.56
N SER A 76 12.57 -48.48 5.40
CA SER A 76 11.75 -47.97 4.31
C SER A 76 10.37 -48.61 4.36
N GLY A 77 9.33 -47.80 4.21
CA GLY A 77 7.98 -48.32 4.26
C GLY A 77 7.71 -49.09 5.54
N GLU A 78 7.60 -48.36 6.65
CA GLU A 78 7.31 -48.94 7.95
C GLU A 78 7.20 -47.88 9.02
N CYS A 79 7.79 -46.73 8.74
CA CYS A 79 7.82 -45.58 9.64
C CYS A 79 8.38 -45.83 11.05
N PRO A 80 9.30 -44.95 11.48
CA PRO A 80 10.01 -44.95 12.75
C PRO A 80 9.20 -44.80 14.03
N PRO A 81 9.80 -45.24 15.15
CA PRO A 81 9.17 -45.17 16.47
C PRO A 81 8.84 -43.71 16.81
N PRO A 82 7.79 -43.51 17.61
CA PRO A 82 7.29 -42.20 18.06
C PRO A 82 8.13 -40.92 17.97
N TYR A 83 9.25 -40.86 18.69
CA TYR A 83 10.04 -39.64 18.71
C TYR A 83 11.31 -39.61 17.87
N THR A 84 11.40 -40.47 16.87
CA THR A 84 12.58 -40.55 16.01
C THR A 84 12.89 -39.24 15.29
N VAL A 85 11.87 -38.72 14.62
CA VAL A 85 12.02 -37.48 13.87
C VAL A 85 11.37 -36.33 14.62
N TYR A 86 12.04 -35.21 14.65
CA TYR A 86 11.56 -34.00 15.31
C TYR A 86 11.67 -32.81 14.33
N ALA A 87 10.53 -32.30 13.87
CA ALA A 87 10.51 -31.18 12.93
C ALA A 87 10.08 -29.87 13.59
N TYR A 88 10.88 -28.83 13.35
CA TYR A 88 10.64 -27.51 13.91
C TYR A 88 10.90 -26.41 12.85
N ALA A 89 9.90 -25.58 12.59
CA ALA A 89 10.02 -24.49 11.61
C ALA A 89 9.52 -23.22 12.28
N ASN A 90 9.91 -22.05 11.78
CA ASN A 90 9.35 -20.87 12.44
C ASN A 90 7.98 -20.52 11.88
N SER A 91 7.23 -19.83 12.74
CA SER A 91 5.87 -19.41 12.51
C SER A 91 5.47 -18.68 11.22
N LEU A 92 6.18 -18.92 10.12
CA LEU A 92 5.82 -18.31 8.84
C LEU A 92 5.19 -19.41 7.99
N GLN A 93 4.19 -19.05 7.18
CA GLN A 93 3.49 -20.00 6.30
C GLN A 93 4.51 -20.75 5.46
N ARG A 94 5.37 -19.96 4.83
CA ARG A 94 6.44 -20.42 3.97
C ARG A 94 7.20 -21.60 4.58
N THR A 95 7.91 -21.32 5.67
CA THR A 95 8.71 -22.32 6.37
C THR A 95 7.96 -23.52 6.96
N VAL A 96 6.76 -23.29 7.51
CA VAL A 96 5.98 -24.36 8.09
C VAL A 96 5.42 -25.26 6.99
N ALA A 97 5.05 -24.63 5.87
CA ALA A 97 4.51 -25.37 4.75
C ALA A 97 5.55 -26.30 4.19
N THR A 98 6.76 -25.80 3.94
CA THR A 98 7.76 -26.67 3.36
C THR A 98 8.08 -27.83 4.30
N ALA A 99 7.93 -27.61 5.61
CA ALA A 99 8.20 -28.66 6.59
C ALA A 99 7.13 -29.74 6.50
N GLN A 100 5.89 -29.33 6.29
CA GLN A 100 4.79 -30.28 6.18
C GLN A 100 4.98 -31.15 4.94
N PHE A 101 5.31 -30.54 3.80
CA PHE A 101 5.54 -31.30 2.57
C PHE A 101 6.75 -32.21 2.72
N PHE A 102 7.83 -31.69 3.31
CA PHE A 102 9.04 -32.47 3.49
C PHE A 102 8.76 -33.73 4.31
N ILE A 103 8.15 -33.55 5.47
CA ILE A 103 7.83 -34.64 6.38
C ILE A 103 6.84 -35.63 5.76
N THR A 104 5.75 -35.13 5.19
CA THR A 104 4.77 -36.00 4.57
C THR A 104 5.44 -36.77 3.45
N GLY A 105 6.46 -36.14 2.85
CA GLY A 105 7.20 -36.77 1.76
C GLY A 105 8.18 -37.82 2.24
N ALA A 106 8.85 -37.54 3.36
CA ALA A 106 9.82 -38.47 3.93
C ALA A 106 9.15 -39.60 4.67
N PHE A 107 8.09 -39.27 5.41
CA PHE A 107 7.38 -40.28 6.15
C PHE A 107 5.88 -40.20 5.90
N PRO A 108 5.45 -40.64 4.71
CA PRO A 108 4.05 -40.64 4.29
C PRO A 108 3.14 -41.50 5.16
N GLY A 109 2.07 -40.90 5.68
CA GLY A 109 1.13 -41.62 6.52
C GLY A 109 1.73 -42.17 7.80
N CYS A 110 2.31 -41.30 8.62
CA CYS A 110 2.92 -41.77 9.85
C CYS A 110 2.38 -41.20 11.14
N ASP A 111 2.61 -39.91 11.36
CA ASP A 111 2.19 -39.18 12.56
C ASP A 111 3.40 -38.48 13.16
N ILE A 112 4.00 -37.59 12.37
CA ILE A 112 5.15 -36.81 12.78
C ILE A 112 4.75 -35.36 12.60
N PRO A 113 4.49 -34.65 13.71
CA PRO A 113 4.09 -33.24 13.62
C PRO A 113 5.20 -32.27 13.26
N VAL A 114 4.82 -31.02 13.04
CA VAL A 114 5.76 -29.96 12.71
C VAL A 114 5.53 -28.95 13.82
N HIS A 115 6.55 -28.69 14.61
CA HIS A 115 6.41 -27.74 15.71
C HIS A 115 6.74 -26.31 15.31
N HIS A 116 6.17 -25.37 16.05
CA HIS A 116 6.38 -23.96 15.79
C HIS A 116 5.66 -23.19 16.88
N GLN A 117 6.09 -21.95 17.10
CA GLN A 117 5.47 -21.15 18.14
C GLN A 117 3.99 -20.97 17.83
N GLU A 118 3.19 -20.77 18.87
CA GLU A 118 1.75 -20.62 18.71
C GLU A 118 1.37 -19.41 17.87
N LYS A 119 2.23 -18.39 17.92
CA LYS A 119 1.97 -17.17 17.15
C LYS A 119 2.53 -17.34 15.73
N MET A 120 1.63 -17.42 14.76
CA MET A 120 2.02 -17.60 13.38
C MET A 120 1.93 -16.29 12.62
N GLY A 121 2.61 -16.22 11.49
CA GLY A 121 2.59 -15.02 10.68
C GLY A 121 3.67 -14.06 11.12
N THR A 122 4.19 -14.30 12.32
CA THR A 122 5.25 -13.48 12.91
C THR A 122 6.49 -14.36 12.98
N MET A 123 7.64 -13.77 13.26
CA MET A 123 8.90 -14.52 13.32
C MET A 123 9.20 -15.12 14.69
N ASP A 124 9.91 -16.25 14.67
CA ASP A 124 10.34 -16.97 15.87
C ASP A 124 11.79 -16.52 16.05
N PRO A 125 12.11 -15.95 17.23
CA PRO A 125 13.48 -15.49 17.50
C PRO A 125 14.56 -16.49 17.11
N THR A 126 14.26 -17.78 17.26
CA THR A 126 15.19 -18.82 16.90
C THR A 126 15.68 -18.62 15.49
N PHE A 127 14.74 -18.32 14.61
CA PHE A 127 15.04 -18.12 13.20
C PHE A 127 15.07 -16.66 12.77
N ASN A 128 14.69 -15.76 13.68
CA ASN A 128 14.71 -14.34 13.34
C ASN A 128 16.17 -13.87 13.28
N PRO A 129 16.62 -13.46 12.09
CA PRO A 129 18.00 -13.00 11.96
C PRO A 129 18.14 -11.52 12.31
N VAL A 130 17.80 -11.16 13.54
CA VAL A 130 17.87 -9.78 13.94
C VAL A 130 18.99 -9.40 14.92
N ILE A 131 19.26 -8.11 14.98
CA ILE A 131 20.30 -7.58 15.86
C ILE A 131 19.73 -7.64 17.26
N THR A 132 20.37 -8.43 18.12
CA THR A 132 19.92 -8.58 19.49
C THR A 132 20.79 -7.78 20.46
N ASP A 133 21.64 -6.91 19.92
CA ASP A 133 22.51 -6.09 20.78
C ASP A 133 22.32 -4.61 20.48
N ASP A 134 21.72 -3.88 21.41
CA ASP A 134 21.48 -2.45 21.23
C ASP A 134 22.63 -1.56 21.71
N SER A 135 23.83 -2.11 21.74
CA SER A 135 25.01 -1.38 22.20
C SER A 135 25.22 -0.02 21.55
N ALA A 136 24.50 0.22 20.44
CA ALA A 136 24.61 1.49 19.69
C ALA A 136 25.97 1.57 19.02
N ALA A 137 27.01 1.24 19.78
CA ALA A 137 28.36 1.24 19.24
C ALA A 137 28.43 0.01 18.37
N PHE A 138 27.60 -0.97 18.70
CA PHE A 138 27.53 -2.22 17.93
C PHE A 138 26.79 -2.03 16.61
N SER A 139 25.72 -1.25 16.62
CA SER A 139 24.97 -1.01 15.38
C SER A 139 25.85 -0.25 14.40
N GLU A 140 26.82 0.48 14.93
CA GLU A 140 27.75 1.25 14.12
C GLU A 140 28.86 0.34 13.62
N GLN A 141 29.32 -0.55 14.49
CA GLN A 141 30.37 -1.48 14.12
C GLN A 141 29.81 -2.40 13.02
N ALA A 142 28.53 -2.71 13.13
CA ALA A 142 27.86 -3.58 12.17
C ALA A 142 27.76 -2.94 10.79
N VAL A 143 27.22 -1.72 10.73
CA VAL A 143 27.07 -1.04 9.46
C VAL A 143 28.39 -0.98 8.72
N ALA A 144 29.44 -0.58 9.42
CA ALA A 144 30.78 -0.47 8.84
C ALA A 144 31.24 -1.82 8.32
N ALA A 145 31.09 -2.85 9.16
CA ALA A 145 31.48 -4.21 8.81
C ALA A 145 30.82 -4.62 7.50
N MET A 146 29.53 -4.28 7.36
CA MET A 146 28.79 -4.59 6.14
C MET A 146 29.42 -3.83 4.98
N GLU A 147 29.56 -2.52 5.14
CA GLU A 147 30.17 -1.68 4.12
C GLU A 147 31.47 -2.28 3.61
N LYS A 148 32.35 -2.68 4.53
CA LYS A 148 33.62 -3.29 4.19
C LYS A 148 33.43 -4.55 3.38
N GLU A 149 32.40 -5.31 3.72
CA GLU A 149 32.09 -6.55 3.04
C GLU A 149 31.74 -6.24 1.60
N LEU A 150 30.89 -5.23 1.39
CA LEU A 150 30.47 -4.84 0.05
C LEU A 150 31.68 -4.43 -0.80
N SER A 151 32.70 -3.89 -0.13
CA SER A 151 33.90 -3.45 -0.81
C SER A 151 34.68 -4.59 -1.42
N LYS A 152 34.52 -5.78 -0.86
CA LYS A 152 35.21 -6.97 -1.36
C LYS A 152 34.53 -7.49 -2.62
N LEU A 153 33.31 -7.05 -2.85
CA LEU A 153 32.54 -7.48 -4.01
C LEU A 153 32.72 -6.57 -5.22
N GLN A 154 32.39 -7.11 -6.39
CA GLN A 154 32.47 -6.37 -7.64
C GLN A 154 31.21 -6.70 -8.44
N LEU A 155 30.22 -5.83 -8.37
CA LEU A 155 28.96 -6.05 -9.09
C LEU A 155 28.71 -5.02 -10.18
N THR A 156 29.75 -4.28 -10.57
CA THR A 156 29.61 -3.26 -11.60
C THR A 156 29.00 -3.85 -12.87
N ASP A 157 29.53 -4.99 -13.33
CA ASP A 157 29.00 -5.64 -14.51
C ASP A 157 27.58 -6.16 -14.27
N SER A 158 27.30 -6.55 -13.03
CA SER A 158 25.98 -7.06 -12.66
C SER A 158 24.96 -5.93 -12.80
N TYR A 159 25.30 -4.77 -12.22
CA TYR A 159 24.44 -3.60 -12.29
C TYR A 159 24.18 -3.16 -13.74
N GLN A 160 25.27 -3.00 -14.49
CA GLN A 160 25.15 -2.58 -15.88
C GLN A 160 24.23 -3.54 -16.61
N LEU A 161 24.47 -4.82 -16.44
CA LEU A 161 23.62 -5.81 -17.09
C LEU A 161 22.18 -5.65 -16.58
N LEU A 162 22.02 -5.56 -15.26
CA LEU A 162 20.69 -5.41 -14.68
C LEU A 162 19.99 -4.21 -15.30
N GLU A 163 20.67 -3.06 -15.34
CA GLU A 163 20.09 -1.84 -15.89
C GLU A 163 19.45 -2.09 -17.26
N LYS A 164 20.14 -2.83 -18.12
CA LYS A 164 19.65 -3.12 -19.46
C LYS A 164 18.45 -4.09 -19.52
N ILE A 165 18.58 -5.23 -18.86
CA ILE A 165 17.49 -6.22 -18.84
C ILE A 165 16.22 -5.64 -18.23
N VAL A 166 16.42 -4.69 -17.33
CA VAL A 166 15.32 -4.04 -16.63
C VAL A 166 14.84 -2.74 -17.27
N ASN A 167 15.64 -2.19 -18.18
CA ASN A 167 15.28 -0.94 -18.82
C ASN A 167 15.02 0.04 -17.67
N TYR A 168 16.00 0.08 -16.77
CA TYR A 168 15.98 0.90 -15.58
C TYR A 168 15.90 2.41 -15.78
N LYS A 169 16.42 2.92 -16.90
CA LYS A 169 16.39 4.36 -17.16
C LYS A 169 14.98 4.87 -17.45
N ASP A 170 14.06 3.96 -17.72
CA ASP A 170 12.67 4.33 -18.00
C ASP A 170 11.78 4.02 -16.80
N SER A 171 12.42 3.63 -15.71
CA SER A 171 11.69 3.29 -14.50
C SER A 171 11.40 4.55 -13.71
N PRO A 172 10.34 4.50 -12.88
CA PRO A 172 9.97 5.65 -12.06
C PRO A 172 10.92 5.75 -10.86
N ALA A 173 12.22 5.63 -11.14
CA ALA A 173 13.24 5.74 -10.11
C ALA A 173 14.25 6.69 -10.70
N CYS A 174 14.37 6.63 -12.02
CA CYS A 174 15.27 7.50 -12.77
C CYS A 174 14.43 8.69 -13.24
N LYS A 175 13.18 8.41 -13.59
CA LYS A 175 12.24 9.45 -13.99
C LYS A 175 11.40 9.71 -12.75
N GLU A 176 11.54 10.90 -12.16
CA GLU A 176 10.82 11.30 -10.95
C GLU A 176 11.69 11.34 -9.71
N LYS A 177 12.55 10.34 -9.55
CA LYS A 177 13.43 10.28 -8.38
C LYS A 177 14.90 10.40 -8.73
N GLN A 178 15.17 10.79 -9.97
CA GLN A 178 16.51 11.01 -10.48
C GLN A 178 17.56 9.91 -10.22
N GLN A 179 17.15 8.75 -9.71
CA GLN A 179 18.11 7.65 -9.49
C GLN A 179 18.28 6.97 -10.83
N CYS A 180 19.39 7.24 -11.51
CA CYS A 180 19.60 6.68 -12.84
C CYS A 180 20.81 5.80 -13.06
N SER A 181 21.51 5.44 -11.99
CA SER A 181 22.68 4.60 -12.10
C SER A 181 22.84 3.65 -10.92
N LEU A 182 22.65 2.36 -11.16
CA LEU A 182 22.76 1.35 -10.12
C LEU A 182 24.22 1.27 -9.64
N VAL A 183 25.13 1.35 -10.60
CA VAL A 183 26.56 1.28 -10.34
C VAL A 183 27.11 2.46 -9.54
N ASP A 184 26.49 3.63 -9.66
CA ASP A 184 26.95 4.81 -8.94
C ASP A 184 26.08 5.13 -7.72
N GLY A 185 24.94 4.44 -7.63
CA GLY A 185 24.04 4.66 -6.52
C GLY A 185 24.65 4.43 -5.14
N LYS A 186 24.27 5.30 -4.22
CA LYS A 186 24.73 5.23 -2.85
C LYS A 186 23.97 4.13 -2.10
N ASN A 187 24.70 3.35 -1.30
CA ASN A 187 24.11 2.29 -0.51
C ASN A 187 24.18 2.69 0.96
N THR A 188 23.08 2.58 1.68
CA THR A 188 23.12 2.89 3.09
C THR A 188 22.63 1.67 3.88
N PHE A 189 23.53 1.14 4.70
CA PHE A 189 23.30 -0.06 5.52
C PHE A 189 22.76 0.23 6.92
N SER A 190 21.67 -0.45 7.29
CA SER A 190 21.06 -0.28 8.60
C SER A 190 21.39 -1.45 9.53
N ALA A 191 21.11 -1.27 10.81
CA ALA A 191 21.36 -2.29 11.83
C ALA A 191 20.67 -1.95 13.15
N LYS A 192 19.44 -1.47 13.06
CA LYS A 192 18.69 -1.11 14.27
C LYS A 192 18.42 -2.34 15.14
N TYR A 193 18.51 -2.13 16.44
CA TYR A 193 18.28 -3.20 17.40
C TYR A 193 16.95 -3.90 17.15
N GLN A 194 16.98 -5.22 17.30
CA GLN A 194 15.81 -6.06 17.15
C GLN A 194 15.18 -6.07 15.75
N GLN A 195 16.03 -6.14 14.73
CA GLN A 195 15.57 -6.19 13.34
C GLN A 195 16.69 -6.70 12.45
N GLU A 196 16.34 -7.07 11.22
CA GLU A 196 17.33 -7.60 10.29
C GLU A 196 18.25 -6.54 9.71
N PRO A 197 19.53 -6.88 9.54
CA PRO A 197 20.38 -5.84 8.96
C PRO A 197 19.82 -5.54 7.56
N GLY A 198 19.81 -4.26 7.18
CA GLY A 198 19.26 -3.91 5.88
C GLY A 198 20.16 -3.12 4.95
N VAL A 199 19.62 -2.86 3.76
CA VAL A 199 20.32 -2.10 2.73
C VAL A 199 19.28 -1.22 2.05
N SER A 200 19.63 0.02 1.79
CA SER A 200 18.70 0.90 1.11
C SER A 200 19.47 1.45 -0.08
N GLY A 201 19.01 1.13 -1.29
CA GLY A 201 19.72 1.62 -2.44
C GLY A 201 19.90 0.60 -3.55
N PRO A 202 20.82 0.85 -4.51
CA PRO A 202 21.08 -0.06 -5.63
C PRO A 202 21.30 -1.53 -5.29
N LEU A 203 21.85 -1.81 -4.11
CA LEU A 203 22.09 -3.21 -3.73
C LEU A 203 20.78 -3.90 -3.40
N LYS A 204 19.80 -3.13 -2.95
CA LYS A 204 18.51 -3.71 -2.60
C LYS A 204 17.75 -4.05 -3.88
N VAL A 205 17.64 -3.07 -4.77
CA VAL A 205 16.96 -3.28 -6.03
C VAL A 205 17.63 -4.45 -6.74
N GLY A 206 18.96 -4.51 -6.67
CA GLY A 206 19.67 -5.60 -7.31
C GLY A 206 19.23 -6.98 -6.82
N ASN A 207 19.26 -7.17 -5.51
CA ASN A 207 18.87 -8.43 -4.90
C ASN A 207 17.37 -8.74 -5.06
N SER A 208 16.55 -7.71 -4.99
CA SER A 208 15.11 -7.89 -5.13
C SER A 208 14.72 -8.41 -6.52
N LEU A 209 15.16 -7.72 -7.56
CA LEU A 209 14.83 -8.14 -8.92
C LEU A 209 15.41 -9.51 -9.25
N VAL A 210 16.71 -9.68 -9.04
CA VAL A 210 17.38 -10.93 -9.34
C VAL A 210 16.73 -12.09 -8.58
N ASP A 211 16.25 -11.83 -7.37
CA ASP A 211 15.61 -12.89 -6.62
C ASP A 211 14.31 -13.23 -7.37
N ALA A 212 13.56 -12.21 -7.77
CA ALA A 212 12.33 -12.42 -8.52
C ALA A 212 12.59 -13.19 -9.83
N PHE A 213 13.67 -12.84 -10.53
CA PHE A 213 14.01 -13.51 -11.79
C PHE A 213 14.35 -14.94 -11.50
N THR A 214 15.12 -15.16 -10.43
CA THR A 214 15.53 -16.49 -10.04
C THR A 214 14.33 -17.35 -9.68
N LEU A 215 13.43 -16.82 -8.85
CA LEU A 215 12.23 -17.57 -8.47
C LEU A 215 11.41 -17.89 -9.73
N GLN A 216 11.24 -16.90 -10.61
CA GLN A 216 10.48 -17.08 -11.85
C GLN A 216 11.03 -18.23 -12.68
N TYR A 217 12.35 -18.40 -12.67
CA TYR A 217 12.98 -19.48 -13.42
C TYR A 217 12.46 -20.80 -12.84
N TYR A 218 12.72 -21.02 -11.56
CA TYR A 218 12.30 -22.25 -10.87
C TYR A 218 10.82 -22.57 -10.99
N GLU A 219 9.97 -21.58 -10.75
CA GLU A 219 8.53 -21.80 -10.82
C GLU A 219 8.11 -22.37 -12.16
N GLY A 220 9.01 -22.27 -13.15
CA GLY A 220 8.69 -22.78 -14.47
C GLY A 220 8.02 -21.82 -15.44
N PHE A 221 8.08 -20.51 -15.20
CA PHE A 221 7.49 -19.55 -16.12
C PHE A 221 8.19 -19.73 -17.47
N PRO A 222 7.46 -19.59 -18.58
CA PRO A 222 8.16 -19.75 -19.87
C PRO A 222 9.27 -18.72 -19.91
N MET A 223 10.30 -18.97 -20.70
CA MET A 223 11.44 -18.06 -20.79
C MET A 223 11.14 -16.58 -21.06
N ASP A 224 10.08 -16.29 -21.80
CA ASP A 224 9.73 -14.90 -22.07
C ASP A 224 9.11 -14.25 -20.85
N GLN A 225 8.82 -15.05 -19.82
CA GLN A 225 8.22 -14.56 -18.58
C GLN A 225 9.27 -14.30 -17.51
N VAL A 226 10.40 -15.00 -17.62
CA VAL A 226 11.48 -14.82 -16.67
C VAL A 226 12.26 -13.61 -17.16
N ALA A 227 12.12 -12.49 -16.46
CA ALA A 227 12.79 -11.26 -16.85
C ALA A 227 12.52 -10.90 -18.29
N TRP A 228 11.27 -11.09 -18.72
CA TRP A 228 10.82 -10.77 -20.08
C TRP A 228 11.72 -11.29 -21.19
N GLY A 229 12.21 -12.51 -21.05
CA GLY A 229 13.09 -13.08 -22.06
C GLY A 229 14.42 -12.37 -22.13
N GLU A 230 14.57 -11.31 -21.35
CA GLU A 230 15.80 -10.53 -21.32
C GLU A 230 16.96 -11.25 -20.66
N ILE A 231 16.78 -11.61 -19.38
CA ILE A 231 17.81 -12.29 -18.62
C ILE A 231 18.19 -13.60 -19.24
N LYS A 232 17.44 -14.01 -20.26
CA LYS A 232 17.72 -15.25 -20.96
C LYS A 232 19.10 -15.08 -21.56
N SER A 233 19.58 -16.15 -22.21
CA SER A 233 20.87 -16.14 -22.85
C SER A 233 22.03 -16.39 -21.89
N ASP A 234 22.88 -17.32 -22.27
CA ASP A 234 24.06 -17.72 -21.51
C ASP A 234 23.99 -17.52 -20.00
N GLN A 235 25.16 -17.25 -19.42
CA GLN A 235 25.28 -17.02 -18.01
C GLN A 235 25.37 -15.57 -17.60
N GLN A 236 24.40 -14.79 -18.05
CA GLN A 236 24.33 -13.41 -17.66
C GLN A 236 23.81 -13.62 -16.23
N TRP A 237 23.32 -14.84 -16.02
CA TRP A 237 22.77 -15.29 -14.74
C TRP A 237 23.83 -15.37 -13.66
N LYS A 238 25.01 -15.86 -14.03
CA LYS A 238 26.10 -15.97 -13.09
C LYS A 238 26.44 -14.57 -12.59
N VAL A 239 26.49 -13.59 -13.48
CA VAL A 239 26.81 -12.23 -13.05
C VAL A 239 25.63 -11.53 -12.38
N LEU A 240 24.41 -11.87 -12.76
CA LEU A 240 23.24 -11.24 -12.15
C LEU A 240 22.97 -11.80 -10.76
N SER A 241 23.34 -13.06 -10.55
CA SER A 241 23.11 -13.69 -9.26
C SER A 241 24.12 -13.23 -8.21
N LYS A 242 25.14 -12.49 -8.64
CA LYS A 242 26.13 -11.99 -7.70
C LYS A 242 25.48 -10.90 -6.85
N LEU A 243 24.55 -10.16 -7.44
CA LEU A 243 23.84 -9.11 -6.70
C LEU A 243 23.05 -9.80 -5.58
N LYS A 244 22.54 -10.99 -5.87
CA LYS A 244 21.77 -11.75 -4.89
C LYS A 244 22.65 -12.41 -3.82
N ASN A 245 23.83 -12.91 -4.20
CA ASN A 245 24.72 -13.52 -3.21
C ASN A 245 25.56 -12.45 -2.51
N GLY A 246 25.69 -11.29 -3.15
CA GLY A 246 26.46 -10.21 -2.57
C GLY A 246 25.61 -9.51 -1.53
N TYR A 247 24.31 -9.54 -1.74
CA TYR A 247 23.35 -8.93 -0.82
C TYR A 247 23.40 -9.70 0.50
N GLN A 248 23.32 -11.02 0.38
CA GLN A 248 23.34 -11.92 1.51
C GLN A 248 24.67 -11.82 2.24
N ASP A 249 25.75 -11.73 1.48
CA ASP A 249 27.09 -11.61 2.06
C ASP A 249 27.26 -10.36 2.92
N SER A 250 26.74 -9.23 2.43
CA SER A 250 26.86 -7.98 3.17
C SER A 250 25.99 -7.88 4.41
N LEU A 251 24.83 -8.52 4.40
CA LEU A 251 23.94 -8.44 5.55
C LEU A 251 24.12 -9.53 6.61
N PHE A 252 24.65 -10.70 6.24
CA PHE A 252 24.79 -11.78 7.22
C PHE A 252 26.17 -12.45 7.32
N THR A 253 26.97 -12.31 6.28
CA THR A 253 28.31 -12.90 6.21
C THR A 253 29.38 -12.18 7.03
N SER A 254 29.12 -10.93 7.41
CA SER A 254 30.10 -10.20 8.21
C SER A 254 30.37 -10.98 9.50
N PRO A 255 31.63 -11.05 9.95
CA PRO A 255 31.93 -11.80 11.18
C PRO A 255 31.23 -11.39 12.46
N GLU A 256 31.25 -10.10 12.81
CA GLU A 256 30.59 -9.67 14.04
C GLU A 256 29.05 -9.65 13.93
N VAL A 257 28.52 -9.46 12.72
CA VAL A 257 27.08 -9.45 12.50
C VAL A 257 26.52 -10.88 12.49
N ALA A 258 27.29 -11.80 11.92
CA ALA A 258 26.91 -13.21 11.82
C ALA A 258 26.79 -13.82 13.21
N ARG A 259 27.84 -13.61 14.01
CA ARG A 259 27.91 -14.11 15.38
C ARG A 259 26.72 -13.69 16.22
N ASN A 260 26.24 -12.47 16.01
CA ASN A 260 25.10 -12.01 16.77
C ASN A 260 23.82 -12.57 16.18
N VAL A 261 23.52 -12.17 14.96
CA VAL A 261 22.32 -12.59 14.27
C VAL A 261 22.06 -14.10 14.36
N ALA A 262 23.11 -14.90 14.38
CA ALA A 262 22.96 -16.34 14.44
C ALA A 262 22.91 -16.92 15.85
N LYS A 263 23.29 -16.13 16.84
CA LYS A 263 23.32 -16.57 18.23
C LYS A 263 22.35 -17.68 18.66
N PRO A 264 21.06 -17.56 18.30
CA PRO A 264 20.09 -18.59 18.68
C PRO A 264 20.12 -19.95 17.97
N LEU A 265 20.59 -19.99 16.73
CA LEU A 265 20.67 -21.25 15.99
C LEU A 265 21.92 -22.00 16.34
N VAL A 266 23.00 -21.26 16.63
CA VAL A 266 24.27 -21.85 17.02
C VAL A 266 24.05 -22.51 18.37
N SER A 267 23.35 -21.78 19.23
CA SER A 267 23.01 -22.24 20.56
C SER A 267 22.14 -23.49 20.48
N TYR A 268 21.20 -23.49 19.54
CA TYR A 268 20.29 -24.61 19.35
C TYR A 268 21.09 -25.83 18.92
N ILE A 269 21.83 -25.69 17.82
CA ILE A 269 22.66 -26.77 17.29
C ILE A 269 23.62 -27.24 18.36
N ASP A 270 24.24 -26.29 19.06
CA ASP A 270 25.15 -26.64 20.15
C ASP A 270 24.32 -26.92 21.39
N LYS A 271 23.61 -28.03 21.36
CA LYS A 271 22.76 -28.45 22.45
C LYS A 271 22.11 -29.73 21.97
N ALA A 272 21.62 -29.69 20.74
CA ALA A 272 21.00 -30.85 20.15
C ALA A 272 22.13 -31.76 19.64
N LEU A 273 23.29 -31.15 19.41
CA LEU A 273 24.45 -31.88 18.90
C LEU A 273 25.58 -32.11 19.88
N VAL A 274 25.68 -31.29 20.92
CA VAL A 274 26.75 -31.45 21.89
C VAL A 274 26.33 -31.58 23.35
N THR A 275 25.88 -30.48 23.94
CA THR A 275 25.50 -30.51 25.34
C THR A 275 24.32 -31.39 25.69
N ASP A 276 23.43 -31.63 24.72
CA ASP A 276 22.27 -32.48 24.99
C ASP A 276 21.98 -33.49 23.89
N ARG A 277 23.02 -34.15 23.38
CA ARG A 277 22.88 -35.16 22.32
C ARG A 277 22.08 -36.38 22.82
N THR A 278 22.22 -36.69 24.11
CA THR A 278 21.54 -37.83 24.71
C THR A 278 20.04 -37.65 24.78
N SER A 279 19.60 -36.40 24.78
CA SER A 279 18.18 -36.13 24.84
C SER A 279 17.63 -35.85 23.44
N ALA A 280 18.49 -35.38 22.55
CA ALA A 280 18.07 -35.05 21.19
C ALA A 280 17.63 -36.30 20.41
N PRO A 281 16.72 -36.13 19.45
CA PRO A 281 16.22 -37.25 18.64
C PRO A 281 17.22 -37.62 17.56
N LYS A 282 17.14 -38.86 17.08
CA LYS A 282 18.06 -39.30 16.03
C LYS A 282 18.07 -38.27 14.91
N ILE A 283 16.88 -37.79 14.56
CA ILE A 283 16.73 -36.86 13.45
C ILE A 283 15.98 -35.56 13.79
N THR A 284 16.55 -34.44 13.39
CA THR A 284 15.94 -33.12 13.61
C THR A 284 15.86 -32.36 12.27
N VAL A 285 14.79 -31.61 12.09
CA VAL A 285 14.61 -30.83 10.86
C VAL A 285 14.27 -29.39 11.22
N LEU A 286 15.22 -28.48 11.02
CA LEU A 286 14.98 -27.06 11.30
C LEU A 286 14.74 -26.36 9.97
N VAL A 287 13.56 -25.80 9.81
CA VAL A 287 13.27 -25.11 8.57
C VAL A 287 13.35 -23.61 8.80
N GLY A 288 14.38 -23.00 8.21
CA GLY A 288 14.59 -21.56 8.37
C GLY A 288 14.59 -20.76 7.07
N HIS A 289 15.52 -19.82 6.99
CA HIS A 289 15.65 -18.95 5.83
C HIS A 289 17.11 -18.89 5.37
N ASP A 290 17.36 -18.30 4.20
CA ASP A 290 18.73 -18.21 3.70
C ASP A 290 19.59 -17.35 4.62
N SER A 291 18.95 -16.39 5.29
CA SER A 291 19.64 -15.50 6.22
C SER A 291 20.28 -16.33 7.32
N ASN A 292 19.51 -17.31 7.81
CA ASN A 292 19.95 -18.20 8.87
C ASN A 292 21.14 -19.05 8.45
N ILE A 293 21.09 -19.56 7.23
CA ILE A 293 22.16 -20.41 6.73
C ILE A 293 23.42 -19.61 6.41
N ALA A 294 23.22 -18.36 6.03
CA ALA A 294 24.34 -17.49 5.72
C ALA A 294 25.07 -17.10 7.00
N SER A 295 24.31 -16.66 8.00
CA SER A 295 24.91 -16.25 9.27
C SER A 295 25.39 -17.42 10.10
N LEU A 296 24.69 -18.55 9.99
CA LEU A 296 25.04 -19.75 10.72
C LEU A 296 26.39 -20.27 10.22
N LEU A 297 26.48 -20.41 8.91
CA LEU A 297 27.70 -20.90 8.29
C LEU A 297 28.87 -20.01 8.63
N THR A 298 28.66 -18.70 8.71
CA THR A 298 29.75 -17.79 9.04
C THR A 298 30.12 -17.89 10.52
N ALA A 299 29.12 -17.76 11.38
CA ALA A 299 29.34 -17.82 12.81
C ALA A 299 30.20 -19.03 13.22
N LEU A 300 30.02 -20.15 12.53
CA LEU A 300 30.80 -21.36 12.83
C LEU A 300 32.03 -21.44 11.92
N ASP A 301 32.47 -20.28 11.44
CA ASP A 301 33.64 -20.15 10.57
C ASP A 301 33.81 -21.30 9.57
N PHE A 302 32.90 -21.40 8.62
CA PHE A 302 33.01 -22.45 7.62
C PHE A 302 34.02 -22.00 6.57
N LYS A 303 34.66 -22.97 5.91
CA LYS A 303 35.61 -22.67 4.86
C LYS A 303 34.75 -22.30 3.64
N PRO A 304 35.23 -21.39 2.77
CA PRO A 304 34.39 -21.06 1.63
C PRO A 304 33.97 -22.30 0.84
N TYR A 305 32.90 -22.17 0.06
CA TYR A 305 32.43 -23.28 -0.72
C TYR A 305 31.79 -22.79 -2.00
N GLN A 306 31.43 -23.74 -2.86
CA GLN A 306 30.84 -23.44 -4.14
C GLN A 306 29.92 -24.61 -4.53
N LEU A 307 28.65 -24.31 -4.76
CA LEU A 307 27.68 -25.35 -5.10
C LEU A 307 27.57 -25.59 -6.60
N HIS A 308 27.84 -26.82 -7.03
CA HIS A 308 27.75 -27.13 -8.44
C HIS A 308 26.31 -27.16 -8.94
N ASP A 309 26.12 -26.61 -10.14
CA ASP A 309 24.83 -26.52 -10.81
C ASP A 309 23.81 -25.68 -10.06
N GLN A 310 24.33 -24.71 -9.31
CA GLN A 310 23.49 -23.83 -8.55
C GLN A 310 24.10 -22.42 -8.55
N ASN A 311 23.25 -21.42 -8.78
CA ASN A 311 23.68 -20.03 -8.81
C ASN A 311 23.56 -19.34 -7.47
N GLU A 312 22.68 -19.85 -6.60
CA GLU A 312 22.53 -19.26 -5.27
C GLU A 312 23.37 -20.03 -4.26
N ARG A 313 24.12 -19.28 -3.44
CA ARG A 313 24.98 -19.86 -2.41
C ARG A 313 24.16 -20.57 -1.34
N THR A 314 22.88 -20.24 -1.29
CA THR A 314 21.95 -20.85 -0.36
C THR A 314 20.70 -21.21 -1.18
N PRO A 315 20.76 -22.34 -1.90
CA PRO A 315 19.72 -22.88 -2.76
C PRO A 315 18.33 -22.81 -2.13
N ILE A 316 17.34 -22.45 -2.95
CA ILE A 316 15.98 -22.32 -2.47
C ILE A 316 15.56 -23.42 -1.51
N GLY A 317 15.77 -24.69 -1.86
CA GLY A 317 15.35 -25.72 -0.93
C GLY A 317 16.48 -26.44 -0.23
N GLY A 318 17.71 -25.97 -0.41
CA GLY A 318 18.87 -26.59 0.18
C GLY A 318 18.91 -26.76 1.70
N LYS A 319 19.55 -27.84 2.13
CA LYS A 319 19.66 -28.12 3.56
C LYS A 319 21.09 -28.47 3.93
N ILE A 320 21.55 -27.90 5.03
CA ILE A 320 22.89 -28.18 5.54
C ILE A 320 22.62 -29.32 6.51
N VAL A 321 23.08 -30.54 6.19
CA VAL A 321 22.84 -31.64 7.09
C VAL A 321 24.08 -32.07 7.85
N PHE A 322 24.05 -31.89 9.16
CA PHE A 322 25.15 -32.27 10.06
C PHE A 322 24.96 -33.75 10.37
N GLN A 323 26.04 -34.52 10.31
CA GLN A 323 25.93 -35.96 10.57
C GLN A 323 26.95 -36.52 11.54
N ARG A 324 26.50 -37.06 12.66
CA ARG A 324 27.42 -37.67 13.61
C ARG A 324 27.50 -39.15 13.28
N TRP A 325 28.68 -39.60 12.88
CA TRP A 325 28.90 -40.99 12.54
C TRP A 325 29.78 -41.65 13.58
N HIS A 326 29.58 -42.95 13.78
CA HIS A 326 30.42 -43.66 14.72
C HIS A 326 31.26 -44.68 13.98
N ASP A 327 32.57 -44.54 14.09
CA ASP A 327 33.52 -45.43 13.44
C ASP A 327 33.68 -46.70 14.27
N SER A 328 33.18 -47.81 13.75
CA SER A 328 33.26 -49.08 14.46
C SER A 328 34.72 -49.43 14.78
N LYS A 329 35.54 -49.58 13.74
CA LYS A 329 36.97 -49.89 13.89
C LYS A 329 37.54 -49.13 15.09
N ALA A 330 37.93 -47.87 14.88
CA ALA A 330 38.44 -47.06 15.97
C ALA A 330 37.19 -46.54 16.66
N ASN A 331 37.02 -46.88 17.93
CA ASN A 331 35.85 -46.48 18.70
C ASN A 331 35.68 -44.96 18.86
N ARG A 332 35.65 -44.25 17.74
CA ARG A 332 35.50 -42.79 17.78
C ARG A 332 34.29 -42.30 17.00
N ASP A 333 33.90 -41.05 17.27
CA ASP A 333 32.77 -40.42 16.60
C ASP A 333 33.30 -39.46 15.54
N LEU A 334 32.47 -39.15 14.55
CA LEU A 334 32.89 -38.25 13.49
C LEU A 334 31.74 -37.40 12.99
N MET A 335 32.08 -36.22 12.48
CA MET A 335 31.10 -35.29 11.96
C MET A 335 31.29 -35.12 10.49
N LYS A 336 30.20 -35.23 9.74
CA LYS A 336 30.27 -35.02 8.31
C LYS A 336 29.15 -34.09 7.95
N ILE A 337 29.49 -32.89 7.49
CA ILE A 337 28.47 -31.92 7.10
C ILE A 337 28.39 -31.87 5.59
N GLU A 338 27.17 -31.73 5.08
CA GLU A 338 26.95 -31.69 3.65
C GLU A 338 25.82 -30.78 3.27
N TYR A 339 25.95 -30.16 2.11
CA TYR A 339 24.91 -29.30 1.58
C TYR A 339 24.19 -30.18 0.58
N VAL A 340 22.92 -30.45 0.86
CA VAL A 340 22.08 -31.29 0.01
C VAL A 340 21.04 -30.37 -0.61
N TYR A 341 21.02 -30.29 -1.94
CA TYR A 341 20.11 -29.41 -2.64
C TYR A 341 19.74 -29.95 -4.02
N GLN A 342 18.87 -29.21 -4.71
CA GLN A 342 18.42 -29.56 -6.05
C GLN A 342 19.05 -28.55 -6.99
N SER A 343 19.65 -29.02 -8.07
CA SER A 343 20.26 -28.10 -9.02
C SER A 343 19.17 -27.17 -9.54
N ALA A 344 19.53 -26.23 -10.41
CA ALA A 344 18.55 -25.30 -10.95
C ALA A 344 17.61 -26.04 -11.91
N GLU A 345 18.16 -26.94 -12.72
CA GLU A 345 17.34 -27.70 -13.64
C GLU A 345 16.41 -28.64 -12.88
N GLN A 346 16.92 -29.20 -11.78
CA GLN A 346 16.10 -30.09 -10.97
C GLN A 346 14.91 -29.34 -10.40
N LEU A 347 15.13 -28.04 -10.12
CA LEU A 347 14.07 -27.19 -9.59
C LEU A 347 13.14 -26.75 -10.73
N ARG A 348 13.70 -26.26 -11.82
CA ARG A 348 12.89 -25.81 -12.95
C ARG A 348 12.07 -26.93 -13.57
N ASN A 349 12.66 -28.11 -13.72
CA ASN A 349 11.95 -29.24 -14.32
C ASN A 349 11.14 -30.07 -13.32
N ALA A 350 11.41 -29.91 -12.02
CA ALA A 350 10.71 -30.70 -11.02
C ALA A 350 10.99 -32.17 -11.27
N ASP A 351 12.24 -32.57 -11.06
CA ASP A 351 12.65 -33.94 -11.28
C ASP A 351 12.38 -34.84 -10.08
N ALA A 352 11.85 -36.03 -10.33
CA ALA A 352 11.60 -36.98 -9.26
C ALA A 352 12.97 -37.25 -8.65
N LEU A 353 13.11 -36.98 -7.35
CA LEU A 353 14.38 -37.19 -6.66
C LEU A 353 14.42 -38.58 -6.05
N THR A 354 15.45 -39.35 -6.41
CA THR A 354 15.63 -40.70 -5.90
C THR A 354 17.11 -41.00 -5.83
N LEU A 355 17.45 -42.15 -5.26
CA LEU A 355 18.86 -42.53 -5.17
C LEU A 355 19.38 -42.77 -6.58
N GLN A 356 18.48 -43.19 -7.47
CA GLN A 356 18.86 -43.42 -8.86
C GLN A 356 19.41 -42.09 -9.37
N ALA A 357 18.60 -41.04 -9.22
CA ALA A 357 18.94 -39.67 -9.62
C ALA A 357 18.91 -38.82 -8.36
N PRO A 358 20.02 -38.82 -7.59
CA PRO A 358 20.12 -38.08 -6.35
C PRO A 358 20.13 -36.56 -6.44
N ALA A 359 19.89 -35.94 -5.29
CA ALA A 359 19.90 -34.50 -5.16
C ALA A 359 21.39 -34.20 -5.15
N GLN A 360 21.75 -32.96 -5.44
CA GLN A 360 23.16 -32.57 -5.46
C GLN A 360 23.71 -32.62 -4.03
N ARG A 361 25.01 -32.82 -3.88
CA ARG A 361 25.60 -32.90 -2.55
C ARG A 361 27.04 -32.39 -2.47
N VAL A 362 27.28 -31.38 -1.65
CA VAL A 362 28.63 -30.85 -1.50
C VAL A 362 29.02 -30.96 -0.02
N THR A 363 30.17 -31.55 0.26
CA THR A 363 30.57 -31.66 1.67
C THR A 363 31.29 -30.38 2.09
N LEU A 364 30.85 -29.80 3.19
CA LEU A 364 31.44 -28.56 3.68
C LEU A 364 32.51 -28.85 4.72
N GLU A 365 33.10 -27.82 5.31
CA GLU A 365 34.14 -28.01 6.32
C GLU A 365 34.34 -26.81 7.26
N LEU A 366 34.61 -27.11 8.53
CA LEU A 366 34.84 -26.08 9.53
C LEU A 366 36.34 -25.81 9.71
N SER A 367 36.70 -24.53 9.77
CA SER A 367 38.09 -24.13 9.96
C SER A 367 38.68 -24.91 11.13
N GLY A 368 37.90 -25.03 12.20
CA GLY A 368 38.36 -25.73 13.39
C GLY A 368 38.11 -27.24 13.39
N CYS A 369 37.64 -27.77 12.27
CA CYS A 369 37.36 -29.20 12.18
C CYS A 369 37.86 -29.73 10.83
N PRO A 370 39.18 -29.68 10.58
CA PRO A 370 39.75 -30.15 9.30
C PRO A 370 39.19 -31.50 8.83
N ILE A 371 38.74 -31.52 7.59
CA ILE A 371 38.14 -32.70 7.00
C ILE A 371 39.17 -33.68 6.39
N ASP A 372 38.94 -34.98 6.56
CA ASP A 372 39.85 -35.99 6.03
C ASP A 372 39.47 -36.37 4.59
N ALA A 373 40.25 -37.27 4.00
CA ALA A 373 40.03 -37.71 2.61
C ALA A 373 38.59 -38.13 2.29
N ASP A 374 37.90 -38.75 3.24
CA ASP A 374 36.53 -39.17 3.00
C ASP A 374 35.51 -38.13 3.41
N GLY A 375 35.99 -36.97 3.84
CA GLY A 375 35.10 -35.87 4.22
C GLY A 375 34.58 -35.85 5.64
N PHE A 376 35.24 -36.59 6.53
CA PHE A 376 34.83 -36.66 7.92
C PHE A 376 35.72 -35.81 8.83
N CYS A 377 35.16 -35.40 9.96
CA CYS A 377 35.88 -34.63 10.94
C CYS A 377 35.60 -35.25 12.31
N PRO A 378 36.60 -35.31 13.19
CA PRO A 378 36.35 -35.90 14.52
C PRO A 378 35.37 -35.07 15.37
N MET A 379 34.43 -35.75 16.01
CA MET A 379 33.43 -35.08 16.85
C MET A 379 34.05 -34.28 17.98
N ASP A 380 35.32 -34.53 18.28
CA ASP A 380 35.99 -33.80 19.33
C ASP A 380 36.11 -32.34 18.92
N LYS A 381 36.83 -32.12 17.82
CA LYS A 381 37.04 -30.78 17.27
C LYS A 381 35.74 -30.02 17.01
N PHE A 382 34.76 -30.70 16.43
CA PHE A 382 33.47 -30.08 16.15
C PHE A 382 32.85 -29.57 17.47
N ASP A 383 32.82 -30.43 18.48
CA ASP A 383 32.28 -30.08 19.78
C ASP A 383 32.88 -28.76 20.23
N SER A 384 34.20 -28.66 20.16
CA SER A 384 34.87 -27.45 20.57
C SER A 384 34.40 -26.24 19.77
N VAL A 385 34.13 -26.44 18.49
CA VAL A 385 33.66 -25.34 17.65
C VAL A 385 32.36 -24.76 18.20
N LEU A 386 31.33 -25.59 18.30
CA LEU A 386 30.05 -25.13 18.81
C LEU A 386 30.08 -24.61 20.24
N ASN A 387 30.81 -25.31 21.12
CA ASN A 387 30.92 -24.89 22.51
C ASN A 387 31.73 -23.59 22.62
N GLU A 388 32.53 -23.31 21.62
CA GLU A 388 33.33 -22.11 21.59
C GLU A 388 32.48 -21.03 20.94
N ALA A 389 31.70 -21.43 19.94
CA ALA A 389 30.83 -20.50 19.22
C ALA A 389 29.80 -19.84 20.10
N VAL A 390 29.22 -20.61 21.02
CA VAL A 390 28.18 -20.10 21.92
C VAL A 390 28.72 -19.07 22.91
N LYS A 391 30.00 -19.19 23.27
CA LYS A 391 30.61 -18.26 24.22
C LYS A 391 30.60 -16.83 23.67
N GLN B 1 1.54 6.65 -12.79
CA GLN B 1 1.49 5.40 -11.98
C GLN B 1 1.14 4.18 -12.85
N THR B 2 0.30 4.41 -13.87
CA THR B 2 -0.11 3.34 -14.80
C THR B 2 -0.06 3.85 -16.24
N VAL B 3 -1.12 3.58 -17.00
CA VAL B 3 -1.18 4.00 -18.40
C VAL B 3 -2.52 4.70 -18.68
N PRO B 4 -2.56 6.04 -18.56
CA PRO B 4 -3.78 6.81 -18.81
C PRO B 4 -3.94 7.18 -20.29
N GLU B 5 -5.08 7.77 -20.63
CA GLU B 5 -5.34 8.18 -22.00
C GLU B 5 -5.02 9.65 -22.12
N GLY B 6 -5.17 10.19 -23.33
CA GLY B 6 -4.90 11.60 -23.56
C GLY B 6 -5.52 12.08 -24.86
N TYR B 7 -4.69 12.66 -25.72
CA TYR B 7 -5.13 13.16 -27.01
C TYR B 7 -5.88 14.48 -26.98
N GLN B 8 -5.14 15.53 -26.63
CA GLN B 8 -5.62 16.89 -26.58
C GLN B 8 -6.73 17.32 -25.62
N LEU B 9 -6.34 17.90 -24.49
CA LEU B 9 -7.31 18.42 -23.55
C LEU B 9 -7.41 19.86 -24.06
N GLN B 10 -8.62 20.36 -24.28
CA GLN B 10 -8.77 21.71 -24.82
C GLN B 10 -9.43 22.73 -23.90
N GLN B 11 -10.58 22.37 -23.33
CA GLN B 11 -11.30 23.27 -22.45
C GLN B 11 -11.55 22.61 -21.10
N VAL B 12 -11.35 23.40 -20.05
CA VAL B 12 -11.55 22.91 -18.70
C VAL B 12 -12.36 23.91 -17.87
N LEU B 13 -13.45 23.43 -17.28
CA LEU B 13 -14.24 24.27 -16.40
C LEU B 13 -14.46 23.51 -15.12
N MET B 14 -14.06 24.10 -14.01
CA MET B 14 -14.27 23.45 -12.73
C MET B 14 -15.17 24.20 -11.77
N MET B 15 -16.15 23.47 -11.24
CA MET B 15 -17.12 24.00 -10.27
C MET B 15 -16.54 23.60 -8.91
N SER B 16 -15.89 24.55 -8.25
CA SER B 16 -15.27 24.30 -6.97
C SER B 16 -16.13 24.72 -5.80
N ARG B 17 -15.87 24.12 -4.65
CA ARG B 17 -16.55 24.44 -3.42
C ARG B 17 -15.49 25.14 -2.61
N ALA B 18 -15.91 25.97 -1.65
CA ALA B 18 -15.00 26.70 -0.78
C ALA B 18 -14.17 25.67 -0.04
N ASN B 19 -12.99 26.05 0.45
CA ASN B 19 -12.16 25.12 1.19
C ASN B 19 -12.56 25.18 2.66
N LEU B 20 -11.77 24.54 3.52
CA LEU B 20 -12.04 24.51 4.94
C LEU B 20 -12.43 25.88 5.50
N ARG B 21 -13.59 25.97 6.14
CA ARG B 21 -14.09 27.22 6.74
C ARG B 21 -14.49 26.94 8.18
N ALA B 22 -14.78 28.00 8.95
CA ALA B 22 -15.24 27.83 10.33
C ALA B 22 -16.75 27.59 10.28
N PRO B 23 -17.28 26.76 11.18
CA PRO B 23 -18.73 26.48 11.18
C PRO B 23 -19.60 27.74 11.09
N LEU B 24 -20.62 27.68 10.24
CA LEU B 24 -21.52 28.81 10.03
C LEU B 24 -22.03 29.45 11.31
N ALA B 25 -22.04 30.78 11.33
CA ALA B 25 -22.48 31.53 12.49
C ALA B 25 -23.97 31.32 12.74
N ASN B 26 -24.75 31.25 11.68
CA ASN B 26 -26.19 31.04 11.79
C ASN B 26 -26.57 29.74 12.49
N ASN B 27 -25.61 28.86 12.71
CA ASN B 27 -25.88 27.61 13.40
C ASN B 27 -25.50 27.72 14.87
N GLY B 28 -24.91 28.84 15.25
CA GLY B 28 -24.51 29.03 16.64
C GLY B 28 -25.58 28.73 17.67
N SER B 29 -26.81 29.15 17.40
CA SER B 29 -27.91 28.90 18.34
C SER B 29 -28.20 27.41 18.43
N VAL B 30 -28.26 26.75 17.27
CA VAL B 30 -28.53 25.32 17.23
C VAL B 30 -27.44 24.53 17.98
N LEU B 31 -26.17 24.86 17.72
CA LEU B 31 -25.07 24.16 18.39
C LEU B 31 -25.21 24.27 19.91
N GLU B 32 -25.36 25.50 20.42
CA GLU B 32 -25.48 25.76 21.85
C GLU B 32 -26.72 25.15 22.52
N GLN B 33 -27.82 25.10 21.77
CA GLN B 33 -29.07 24.57 22.30
C GLN B 33 -29.13 23.03 22.28
N SER B 34 -28.28 22.40 21.48
CA SER B 34 -28.30 20.95 21.33
C SER B 34 -27.35 20.21 22.24
N THR B 35 -26.66 20.91 23.12
CA THR B 35 -25.73 20.23 24.00
C THR B 35 -25.31 21.11 25.17
N PRO B 36 -25.07 20.49 26.32
CA PRO B 36 -24.66 21.20 27.54
C PRO B 36 -23.17 21.55 27.48
N ASN B 37 -22.51 21.03 26.45
CA ASN B 37 -21.08 21.21 26.25
C ASN B 37 -20.67 22.54 25.64
N LYS B 38 -19.42 22.91 25.86
CA LYS B 38 -18.87 24.15 25.33
C LYS B 38 -18.13 23.86 24.02
N TRP B 39 -18.22 24.79 23.07
CA TRP B 39 -17.57 24.64 21.78
C TRP B 39 -16.24 25.38 21.72
N PRO B 40 -15.24 24.76 21.08
CA PRO B 40 -13.92 25.39 20.95
C PRO B 40 -13.92 26.53 19.94
N GLU B 41 -13.09 27.53 20.20
CA GLU B 41 -12.96 28.71 19.35
C GLU B 41 -12.25 28.46 18.01
N TRP B 42 -12.45 29.38 17.08
CA TRP B 42 -11.81 29.35 15.77
C TRP B 42 -11.15 30.73 15.63
N ASP B 43 -10.01 30.78 14.95
CA ASP B 43 -9.27 32.02 14.76
C ASP B 43 -9.98 33.04 13.88
N VAL B 44 -10.96 32.58 13.11
CA VAL B 44 -11.70 33.47 12.24
C VAL B 44 -13.17 33.41 12.59
N PRO B 45 -13.95 34.40 12.14
CA PRO B 45 -15.37 34.34 12.48
C PRO B 45 -16.08 33.25 11.69
N GLY B 46 -17.28 32.88 12.13
CA GLY B 46 -18.03 31.83 11.46
C GLY B 46 -18.28 32.04 9.99
N GLY B 47 -18.10 30.97 9.22
CA GLY B 47 -18.30 31.03 7.80
C GLY B 47 -17.08 31.49 6.99
N GLN B 48 -15.97 31.83 7.66
CA GLN B 48 -14.81 32.28 6.90
C GLN B 48 -13.77 31.18 6.68
N LEU B 49 -12.93 31.38 5.68
CA LEU B 49 -11.95 30.38 5.28
C LEU B 49 -10.95 29.76 6.24
N THR B 50 -10.33 30.54 7.11
CA THR B 50 -9.28 30.01 8.02
C THR B 50 -8.01 29.90 7.17
N THR B 51 -6.86 30.09 7.79
CA THR B 51 -5.62 30.02 7.04
C THR B 51 -5.33 28.62 6.49
N LYS B 52 -5.56 27.57 7.28
CA LYS B 52 -5.31 26.22 6.79
C LYS B 52 -6.09 25.98 5.50
N GLY B 53 -7.32 26.50 5.45
CA GLY B 53 -8.12 26.35 4.25
C GLY B 53 -7.37 26.96 3.08
N GLY B 54 -6.66 28.06 3.34
CA GLY B 54 -5.89 28.69 2.29
C GLY B 54 -4.71 27.84 1.85
N VAL B 55 -4.06 27.21 2.83
CA VAL B 55 -2.91 26.34 2.57
C VAL B 55 -3.32 25.13 1.74
N LEU B 56 -4.47 24.56 2.06
CA LEU B 56 -4.97 23.39 1.36
C LEU B 56 -5.41 23.72 -0.06
N GLU B 57 -5.90 24.94 -0.28
CA GLU B 57 -6.33 25.34 -1.61
C GLU B 57 -5.12 25.60 -2.48
N VAL B 58 -4.03 26.04 -1.85
CA VAL B 58 -2.78 26.32 -2.57
C VAL B 58 -2.25 24.98 -3.05
N TYR B 59 -2.41 23.97 -2.20
CA TYR B 59 -1.95 22.64 -2.55
C TYR B 59 -2.81 22.09 -3.68
N MET B 60 -4.11 22.31 -3.57
CA MET B 60 -5.03 21.84 -4.59
C MET B 60 -4.69 22.52 -5.91
N GLY B 61 -4.39 23.81 -5.84
CA GLY B 61 -4.06 24.59 -7.02
C GLY B 61 -2.73 24.20 -7.65
N HIS B 62 -1.80 23.74 -6.84
CA HIS B 62 -0.51 23.33 -7.38
C HIS B 62 -0.68 21.99 -8.09
N TYR B 63 -1.47 21.12 -7.48
CA TYR B 63 -1.73 19.84 -8.09
C TYR B 63 -2.42 20.05 -9.44
N MET B 64 -3.39 20.96 -9.50
CA MET B 64 -4.10 21.22 -10.75
C MET B 64 -3.17 21.81 -11.80
N ARG B 65 -2.17 22.57 -11.35
CA ARG B 65 -1.21 23.16 -12.28
C ARG B 65 -0.36 22.05 -12.91
N GLU B 66 0.23 21.19 -12.07
CA GLU B 66 1.03 20.10 -12.58
C GLU B 66 0.16 19.31 -13.56
N TRP B 67 -1.02 18.89 -13.11
CA TRP B 67 -1.91 18.12 -13.98
C TRP B 67 -2.22 18.84 -15.27
N LEU B 68 -2.54 20.14 -15.18
CA LEU B 68 -2.85 20.96 -16.34
C LEU B 68 -1.69 21.08 -17.34
N ALA B 69 -0.47 21.15 -16.82
CA ALA B 69 0.71 21.26 -17.66
C ALA B 69 1.03 19.90 -18.28
N GLU B 70 0.80 18.83 -17.52
CA GLU B 70 1.05 17.48 -18.00
C GLU B 70 0.20 17.19 -19.24
N GLN B 71 -0.84 17.98 -19.44
CA GLN B 71 -1.73 17.82 -20.60
C GLN B 71 -1.48 18.87 -21.67
N GLY B 72 -0.41 19.64 -21.51
CA GLY B 72 -0.07 20.67 -22.48
C GLY B 72 -1.03 21.84 -22.53
N MET B 73 -1.93 21.92 -21.55
CA MET B 73 -2.91 23.01 -21.48
C MET B 73 -2.21 24.28 -21.00
N VAL B 74 -1.05 24.10 -20.40
CA VAL B 74 -0.29 25.21 -19.87
C VAL B 74 1.15 24.75 -19.71
N LYS B 75 2.10 25.68 -19.74
CA LYS B 75 3.51 25.32 -19.58
C LYS B 75 3.86 25.20 -18.10
N SER B 76 4.86 24.39 -17.80
CA SER B 76 5.28 24.17 -16.42
C SER B 76 6.07 25.31 -15.79
N GLY B 77 6.47 26.30 -16.59
CA GLY B 77 7.22 27.41 -16.01
C GLY B 77 7.30 28.77 -16.68
N GLU B 78 6.18 29.45 -16.90
CA GLU B 78 6.25 30.79 -17.51
C GLU B 78 5.01 31.71 -17.50
N CYS B 79 3.91 31.29 -16.90
CA CYS B 79 2.67 32.09 -16.87
C CYS B 79 1.99 32.07 -18.24
N PRO B 80 0.77 31.50 -18.31
CA PRO B 80 -0.02 31.39 -19.53
C PRO B 80 -0.55 32.70 -20.10
N PRO B 81 -0.69 32.77 -21.44
CA PRO B 81 -1.19 33.97 -22.13
C PRO B 81 -2.38 34.64 -21.41
N PRO B 82 -2.52 35.97 -21.60
CA PRO B 82 -3.51 36.88 -21.06
C PRO B 82 -4.87 36.43 -20.52
N TYR B 83 -5.67 35.74 -21.31
CA TYR B 83 -6.99 35.35 -20.83
C TYR B 83 -7.22 33.84 -20.73
N THR B 84 -6.15 33.11 -20.49
CA THR B 84 -6.21 31.67 -20.40
C THR B 84 -7.08 31.16 -19.25
N VAL B 85 -7.05 31.85 -18.12
CA VAL B 85 -7.79 31.39 -16.97
C VAL B 85 -8.78 32.40 -16.42
N TYR B 86 -10.05 32.02 -16.44
CA TYR B 86 -11.08 32.89 -15.93
C TYR B 86 -11.56 32.36 -14.58
N ALA B 87 -11.35 33.14 -13.54
CA ALA B 87 -11.75 32.75 -12.20
C ALA B 87 -12.91 33.63 -11.75
N TYR B 88 -14.04 32.99 -11.45
CA TYR B 88 -15.24 33.71 -11.05
C TYR B 88 -15.43 33.71 -9.50
N ALA B 89 -16.24 32.81 -8.94
CA ALA B 89 -16.43 32.78 -7.48
C ALA B 89 -17.50 33.69 -6.88
N ASN B 90 -18.32 33.13 -6.00
CA ASN B 90 -19.38 33.85 -5.30
C ASN B 90 -18.83 34.96 -4.40
N SER B 91 -19.58 36.05 -4.28
CA SER B 91 -19.18 37.20 -3.49
C SER B 91 -19.20 37.09 -1.96
N LEU B 92 -18.67 35.98 -1.44
CA LEU B 92 -18.59 35.79 -0.01
C LEU B 92 -17.09 35.75 0.30
N GLN B 93 -16.72 36.02 1.56
CA GLN B 93 -15.31 36.01 1.93
C GLN B 93 -14.68 34.64 1.72
N ARG B 94 -15.29 33.60 2.27
CA ARG B 94 -14.70 32.27 2.10
C ARG B 94 -14.54 31.87 0.63
N THR B 95 -15.51 32.25 -0.20
CA THR B 95 -15.46 31.92 -1.62
C THR B 95 -14.40 32.73 -2.40
N VAL B 96 -14.40 34.05 -2.27
CA VAL B 96 -13.40 34.81 -2.98
C VAL B 96 -12.02 34.45 -2.46
N ALA B 97 -11.93 34.08 -1.18
CA ALA B 97 -10.65 33.72 -0.59
C ALA B 97 -10.07 32.46 -1.22
N THR B 98 -10.86 31.39 -1.24
CA THR B 98 -10.44 30.10 -1.81
C THR B 98 -9.95 30.25 -3.24
N ALA B 99 -10.70 30.95 -4.08
CA ALA B 99 -10.30 31.16 -5.47
C ALA B 99 -8.94 31.87 -5.49
N GLN B 100 -8.82 32.97 -4.74
CA GLN B 100 -7.55 33.69 -4.67
C GLN B 100 -6.44 32.71 -4.33
N PHE B 101 -6.69 31.81 -3.36
CA PHE B 101 -5.68 30.84 -2.97
C PHE B 101 -5.41 29.78 -4.03
N PHE B 102 -6.44 29.35 -4.73
CA PHE B 102 -6.27 28.34 -5.76
C PHE B 102 -5.37 28.91 -6.87
N ILE B 103 -5.79 30.05 -7.43
CA ILE B 103 -5.05 30.68 -8.49
C ILE B 103 -3.60 31.01 -8.17
N THR B 104 -3.33 31.50 -6.96
CA THR B 104 -1.95 31.79 -6.59
C THR B 104 -1.16 30.48 -6.49
N GLY B 105 -1.82 29.43 -6.01
CA GLY B 105 -1.16 28.14 -5.90
C GLY B 105 -0.90 27.50 -7.24
N ALA B 106 -1.79 27.74 -8.20
CA ALA B 106 -1.66 27.18 -9.54
C ALA B 106 -0.81 28.03 -10.46
N PHE B 107 -1.01 29.34 -10.40
CA PHE B 107 -0.27 30.25 -11.27
C PHE B 107 0.41 31.37 -10.48
N PRO B 108 1.40 31.00 -9.65
CA PRO B 108 2.19 31.87 -8.78
C PRO B 108 2.81 33.05 -9.51
N GLY B 109 2.39 34.26 -9.13
CA GLY B 109 2.90 35.48 -9.73
C GLY B 109 2.63 35.63 -11.22
N CYS B 110 1.37 35.46 -11.65
CA CYS B 110 1.05 35.56 -13.07
C CYS B 110 0.14 36.69 -13.56
N ASP B 111 -0.57 37.34 -12.66
CA ASP B 111 -1.47 38.41 -13.08
C ASP B 111 -2.73 37.82 -13.69
N ILE B 112 -3.45 37.09 -12.85
CA ILE B 112 -4.69 36.44 -13.23
C ILE B 112 -5.68 36.87 -12.16
N PRO B 113 -6.70 37.64 -12.54
CA PRO B 113 -7.71 38.12 -11.60
C PRO B 113 -8.75 37.11 -11.17
N VAL B 114 -9.44 37.41 -10.08
CA VAL B 114 -10.49 36.56 -9.55
C VAL B 114 -11.73 37.45 -9.50
N HIS B 115 -12.57 37.35 -10.53
CA HIS B 115 -13.77 38.17 -10.62
C HIS B 115 -14.92 37.76 -9.73
N HIS B 116 -15.67 38.74 -9.25
CA HIS B 116 -16.84 38.50 -8.41
C HIS B 116 -17.75 39.68 -8.62
N GLN B 117 -18.96 39.62 -8.11
CA GLN B 117 -19.87 40.75 -8.29
C GLN B 117 -19.41 41.89 -7.37
N GLU B 118 -19.67 43.13 -7.77
CA GLU B 118 -19.22 44.25 -6.97
C GLU B 118 -19.70 44.29 -5.52
N LYS B 119 -20.89 43.74 -5.27
CA LYS B 119 -21.42 43.70 -3.91
C LYS B 119 -20.83 42.47 -3.21
N MET B 120 -20.06 42.71 -2.15
CA MET B 120 -19.40 41.66 -1.40
C MET B 120 -20.08 41.39 -0.06
N GLY B 121 -20.02 40.14 0.40
CA GLY B 121 -20.64 39.79 1.66
C GLY B 121 -22.09 39.43 1.46
N THR B 122 -22.51 39.39 0.20
CA THR B 122 -23.88 39.06 -0.18
C THR B 122 -23.83 37.99 -1.26
N MET B 123 -24.92 37.23 -1.40
CA MET B 123 -24.98 36.16 -2.37
C MET B 123 -25.09 36.59 -3.83
N ASP B 124 -24.32 35.95 -4.69
CA ASP B 124 -24.36 36.24 -6.11
C ASP B 124 -25.36 35.22 -6.66
N PRO B 125 -26.46 35.69 -7.27
CA PRO B 125 -27.48 34.79 -7.82
C PRO B 125 -26.94 33.64 -8.66
N THR B 126 -25.77 33.81 -9.25
CA THR B 126 -25.20 32.74 -10.02
C THR B 126 -24.98 31.55 -9.08
N PHE B 127 -24.46 31.84 -7.89
CA PHE B 127 -24.14 30.84 -6.88
C PHE B 127 -25.12 30.77 -5.73
N ASN B 128 -26.24 31.48 -5.84
CA ASN B 128 -27.22 31.47 -4.77
C ASN B 128 -28.16 30.30 -5.00
N PRO B 129 -28.19 29.35 -4.05
CA PRO B 129 -29.08 28.18 -4.20
C PRO B 129 -30.49 28.47 -3.70
N VAL B 130 -31.16 29.45 -4.31
CA VAL B 130 -32.49 29.81 -3.90
C VAL B 130 -33.65 29.39 -4.81
N ILE B 131 -34.81 29.20 -4.19
CA ILE B 131 -36.03 28.85 -4.91
C ILE B 131 -36.27 30.13 -5.66
N THR B 132 -36.38 30.04 -6.98
CA THR B 132 -36.57 31.23 -7.77
C THR B 132 -37.90 31.23 -8.52
N ASP B 133 -38.84 30.45 -8.02
CA ASP B 133 -40.16 30.38 -8.62
C ASP B 133 -41.19 30.49 -7.49
N ASP B 134 -41.74 31.68 -7.31
CA ASP B 134 -42.73 31.89 -6.26
C ASP B 134 -44.07 31.36 -6.77
N SER B 135 -44.00 30.22 -7.46
CA SER B 135 -45.18 29.61 -8.03
C SER B 135 -46.19 29.25 -6.94
N ALA B 136 -45.78 29.36 -5.68
CA ALA B 136 -46.63 29.05 -4.53
C ALA B 136 -46.90 27.55 -4.52
N ALA B 137 -47.60 27.06 -5.53
CA ALA B 137 -47.89 25.64 -5.63
C ALA B 137 -46.53 24.94 -5.63
N PHE B 138 -45.57 25.54 -6.33
CA PHE B 138 -44.23 24.98 -6.40
C PHE B 138 -43.60 24.99 -5.02
N SER B 139 -43.70 26.12 -4.33
CA SER B 139 -43.15 26.25 -2.99
C SER B 139 -43.60 25.07 -2.15
N GLU B 140 -44.68 24.42 -2.58
CA GLU B 140 -45.26 23.27 -1.88
C GLU B 140 -44.77 21.97 -2.47
N GLN B 141 -44.77 21.89 -3.79
CA GLN B 141 -44.33 20.71 -4.52
C GLN B 141 -42.89 20.38 -4.09
N ALA B 142 -42.12 21.43 -3.83
CA ALA B 142 -40.73 21.27 -3.40
C ALA B 142 -40.72 20.70 -1.99
N VAL B 143 -41.43 21.40 -1.09
CA VAL B 143 -41.54 20.96 0.29
C VAL B 143 -41.84 19.46 0.32
N ALA B 144 -42.81 19.05 -0.49
CA ALA B 144 -43.21 17.65 -0.56
C ALA B 144 -42.09 16.74 -1.12
N ALA B 145 -41.41 17.21 -2.15
CA ALA B 145 -40.34 16.42 -2.74
C ALA B 145 -39.20 16.30 -1.76
N MET B 146 -39.00 17.34 -0.95
CA MET B 146 -37.94 17.32 0.05
C MET B 146 -38.25 16.20 1.04
N GLU B 147 -39.50 16.16 1.52
CA GLU B 147 -39.91 15.14 2.47
C GLU B 147 -39.75 13.71 1.91
N LYS B 148 -40.12 13.54 0.65
CA LYS B 148 -40.01 12.26 -0.03
C LYS B 148 -38.56 11.81 -0.13
N GLU B 149 -37.65 12.78 -0.07
CA GLU B 149 -36.23 12.50 -0.17
C GLU B 149 -35.78 11.94 1.17
N LEU B 150 -36.25 12.58 2.23
CA LEU B 150 -35.90 12.17 3.58
C LEU B 150 -36.37 10.74 3.88
N SER B 151 -37.48 10.34 3.27
CA SER B 151 -38.02 9.00 3.52
C SER B 151 -37.14 7.88 2.97
N LYS B 152 -36.19 8.23 2.12
CA LYS B 152 -35.28 7.25 1.52
C LYS B 152 -34.07 7.02 2.40
N LEU B 153 -33.84 7.94 3.34
CA LEU B 153 -32.70 7.85 4.23
C LEU B 153 -33.00 7.10 5.52
N GLN B 154 -31.98 6.41 6.03
CA GLN B 154 -32.06 5.66 7.27
C GLN B 154 -31.19 6.38 8.30
N LEU B 155 -31.80 7.37 8.96
CA LEU B 155 -31.13 8.17 9.99
C LEU B 155 -31.47 7.60 11.37
N THR B 156 -32.38 6.64 11.34
CA THR B 156 -32.89 5.96 12.51
C THR B 156 -31.83 5.66 13.59
N ASP B 157 -30.55 5.74 13.24
CA ASP B 157 -29.48 5.46 14.19
C ASP B 157 -28.30 6.46 14.25
N SER B 158 -28.25 7.42 13.33
CA SER B 158 -27.18 8.42 13.39
C SER B 158 -27.58 9.32 14.55
N TYR B 159 -28.89 9.45 14.75
CA TYR B 159 -29.45 10.26 15.83
C TYR B 159 -29.17 9.66 17.19
N GLN B 160 -29.37 8.35 17.32
CA GLN B 160 -29.13 7.66 18.56
C GLN B 160 -27.66 7.85 18.90
N LEU B 161 -26.84 7.82 17.85
CA LEU B 161 -25.40 8.01 17.97
C LEU B 161 -25.11 9.47 18.38
N LEU B 162 -25.67 10.42 17.63
CA LEU B 162 -25.47 11.84 17.92
C LEU B 162 -25.92 12.24 19.33
N GLU B 163 -27.09 11.74 19.78
CA GLU B 163 -27.61 12.08 21.10
C GLU B 163 -26.71 11.61 22.22
N LYS B 164 -26.01 10.52 21.97
CA LYS B 164 -25.11 9.98 22.99
C LYS B 164 -23.81 10.78 23.00
N ILE B 165 -23.24 10.99 21.82
CA ILE B 165 -22.00 11.75 21.65
C ILE B 165 -22.15 13.16 22.22
N VAL B 166 -23.30 13.74 21.92
CA VAL B 166 -23.63 15.11 22.28
C VAL B 166 -24.28 15.31 23.66
N ASN B 167 -24.68 14.20 24.27
CA ASN B 167 -25.33 14.25 25.58
C ASN B 167 -26.53 15.16 25.39
N TYR B 168 -27.34 14.85 24.36
CA TYR B 168 -28.52 15.62 24.02
C TYR B 168 -29.44 15.80 25.22
N LYS B 169 -29.82 14.72 25.90
CA LYS B 169 -30.63 14.90 27.09
C LYS B 169 -29.65 15.81 27.87
N ASP B 170 -30.11 16.55 28.86
CA ASP B 170 -29.18 17.45 29.58
C ASP B 170 -28.90 18.70 28.74
N SER B 171 -29.34 18.72 27.50
CA SER B 171 -29.13 19.91 26.67
C SER B 171 -30.32 20.82 26.91
N PRO B 172 -30.16 22.15 26.71
CA PRO B 172 -31.30 23.03 26.94
C PRO B 172 -32.50 22.72 26.05
N ALA B 173 -32.26 22.24 24.83
CA ALA B 173 -33.39 21.92 23.96
C ALA B 173 -34.24 20.85 24.65
N CYS B 174 -33.63 20.17 25.62
CA CYS B 174 -34.34 19.12 26.31
C CYS B 174 -34.75 19.46 27.74
N LYS B 175 -33.80 19.92 28.54
CA LYS B 175 -34.10 20.27 29.92
C LYS B 175 -34.43 21.75 30.03
N GLU B 176 -35.29 22.22 29.15
CA GLU B 176 -35.66 23.63 29.16
C GLU B 176 -36.84 23.98 28.24
N LYS B 177 -37.09 23.14 27.23
CA LYS B 177 -38.20 23.33 26.29
C LYS B 177 -38.69 21.93 25.99
N GLN B 178 -38.23 21.01 26.83
CA GLN B 178 -38.51 19.59 26.78
C GLN B 178 -38.70 18.96 25.40
N GLN B 179 -37.69 19.14 24.56
CA GLN B 179 -37.62 18.56 23.22
C GLN B 179 -36.45 17.62 23.39
N CYS B 180 -36.74 16.36 23.73
CA CYS B 180 -35.66 15.43 24.00
C CYS B 180 -35.39 14.25 23.07
N SER B 181 -35.92 14.27 21.85
CA SER B 181 -35.64 13.15 20.96
C SER B 181 -35.42 13.56 19.53
N LEU B 182 -34.18 13.42 19.08
CA LEU B 182 -33.82 13.74 17.73
C LEU B 182 -34.42 12.66 16.83
N VAL B 183 -34.35 11.41 17.30
CA VAL B 183 -34.87 10.29 16.55
C VAL B 183 -36.38 10.27 16.33
N ASP B 184 -37.16 10.74 17.31
CA ASP B 184 -38.62 10.78 17.16
C ASP B 184 -39.10 12.16 16.73
N GLY B 185 -38.20 13.14 16.75
CA GLY B 185 -38.57 14.49 16.38
C GLY B 185 -39.28 14.64 15.05
N LYS B 186 -40.12 15.66 14.94
CA LYS B 186 -40.89 15.97 13.74
C LYS B 186 -40.01 16.20 12.50
N ASN B 187 -39.91 17.47 12.10
CA ASN B 187 -39.12 17.93 10.93
C ASN B 187 -40.00 18.59 9.85
N THR B 188 -39.77 19.89 9.61
CA THR B 188 -40.53 20.61 8.59
C THR B 188 -39.66 21.44 7.63
N PHE B 189 -39.77 21.12 6.35
CA PHE B 189 -39.02 21.80 5.29
C PHE B 189 -39.79 23.05 4.86
N SER B 190 -39.17 23.85 4.00
CA SER B 190 -39.80 25.06 3.50
C SER B 190 -39.25 25.40 2.11
N ALA B 191 -39.94 26.28 1.39
CA ALA B 191 -39.50 26.67 0.05
C ALA B 191 -39.99 28.06 -0.33
N LYS B 192 -39.92 29.00 0.62
CA LYS B 192 -40.36 30.36 0.35
C LYS B 192 -39.47 30.98 -0.71
N TYR B 193 -40.10 31.58 -1.70
CA TYR B 193 -39.40 32.21 -2.80
C TYR B 193 -38.23 33.12 -2.42
N GLN B 194 -37.15 32.99 -3.20
CA GLN B 194 -35.94 33.77 -3.03
C GLN B 194 -35.08 33.40 -1.85
N GLN B 195 -35.30 32.21 -1.29
CA GLN B 195 -34.51 31.74 -0.17
C GLN B 195 -34.14 30.28 -0.42
N GLU B 196 -33.13 29.79 0.28
CA GLU B 196 -32.72 28.41 0.10
C GLU B 196 -33.77 27.48 0.67
N PRO B 197 -33.94 26.31 0.07
CA PRO B 197 -34.93 25.33 0.54
C PRO B 197 -34.81 24.77 1.96
N GLY B 198 -33.96 25.36 2.81
CA GLY B 198 -33.79 24.89 4.19
C GLY B 198 -34.85 24.10 4.98
N VAL B 199 -34.44 23.54 6.11
CA VAL B 199 -35.32 22.74 6.97
C VAL B 199 -35.13 23.04 8.47
N SER B 200 -36.16 22.73 9.25
CA SER B 200 -36.15 22.97 10.68
C SER B 200 -36.49 21.68 11.41
N GLY B 201 -35.66 21.29 12.37
CA GLY B 201 -35.92 20.07 13.10
C GLY B 201 -34.66 19.27 13.39
N PRO B 202 -34.80 18.00 13.81
CA PRO B 202 -33.65 17.16 14.13
C PRO B 202 -32.66 16.98 12.98
N LEU B 203 -33.13 17.17 11.75
CA LEU B 203 -32.25 17.05 10.58
C LEU B 203 -31.34 18.28 10.57
N LYS B 204 -31.95 19.42 10.85
CA LYS B 204 -31.28 20.71 10.93
C LYS B 204 -30.16 20.66 11.96
N VAL B 205 -30.50 20.22 13.16
CA VAL B 205 -29.52 20.13 14.23
C VAL B 205 -28.45 19.09 13.97
N GLY B 206 -28.84 17.97 13.38
CA GLY B 206 -27.88 16.92 13.09
C GLY B 206 -26.82 17.38 12.10
N ASN B 207 -27.25 18.18 11.14
CA ASN B 207 -26.35 18.68 10.10
C ASN B 207 -25.38 19.74 10.67
N SER B 208 -25.91 20.63 11.49
CA SER B 208 -25.09 21.68 12.09
C SER B 208 -23.97 21.09 12.94
N LEU B 209 -24.35 20.25 13.90
CA LEU B 209 -23.38 19.63 14.79
C LEU B 209 -22.35 18.82 14.01
N VAL B 210 -22.82 17.86 13.22
CA VAL B 210 -21.91 17.01 12.45
C VAL B 210 -21.06 17.84 11.50
N ASP B 211 -21.66 18.86 10.90
CA ASP B 211 -20.91 19.72 10.00
C ASP B 211 -19.77 20.33 10.81
N ALA B 212 -20.08 20.79 12.02
CA ALA B 212 -19.07 21.40 12.87
C ALA B 212 -17.98 20.40 13.26
N PHE B 213 -18.36 19.18 13.64
CA PHE B 213 -17.37 18.16 14.02
C PHE B 213 -16.43 17.88 12.86
N THR B 214 -16.98 17.85 11.65
CA THR B 214 -16.21 17.58 10.44
C THR B 214 -15.17 18.66 10.17
N LEU B 215 -15.53 19.92 10.40
CA LEU B 215 -14.61 21.05 10.20
C LEU B 215 -13.52 21.03 11.28
N GLN B 216 -13.91 20.72 12.51
CA GLN B 216 -12.93 20.66 13.59
C GLN B 216 -11.91 19.62 13.19
N TYR B 217 -12.41 18.50 12.66
CA TYR B 217 -11.55 17.40 12.24
C TYR B 217 -10.53 17.86 11.21
N TYR B 218 -11.01 18.57 10.19
CA TYR B 218 -10.10 19.05 9.16
C TYR B 218 -9.16 20.11 9.71
N GLU B 219 -9.69 21.07 10.45
CA GLU B 219 -8.85 22.12 10.98
C GLU B 219 -7.60 21.60 11.66
N GLY B 220 -7.65 20.37 12.14
CA GLY B 220 -6.49 19.80 12.78
C GLY B 220 -6.50 19.97 14.28
N PHE B 221 -7.70 20.14 14.83
CA PHE B 221 -7.86 20.27 16.27
C PHE B 221 -7.41 18.96 16.89
N PRO B 222 -6.83 19.01 18.09
CA PRO B 222 -6.42 17.72 18.68
C PRO B 222 -7.68 16.87 18.86
N MET B 223 -7.54 15.56 18.76
CA MET B 223 -8.70 14.68 18.90
C MET B 223 -9.54 14.97 20.15
N ASP B 224 -8.93 15.57 21.18
CA ASP B 224 -9.64 15.91 22.41
C ASP B 224 -10.63 17.07 22.25
N GLN B 225 -10.55 17.77 21.12
CA GLN B 225 -11.44 18.89 20.89
C GLN B 225 -12.25 18.82 19.60
N VAL B 226 -12.51 17.60 19.14
CA VAL B 226 -13.34 17.38 17.96
C VAL B 226 -14.47 16.49 18.50
N ALA B 227 -15.61 17.10 18.80
CA ALA B 227 -16.74 16.39 19.38
C ALA B 227 -16.37 15.95 20.78
N TRP B 228 -15.54 16.75 21.45
CA TRP B 228 -15.07 16.51 22.82
C TRP B 228 -14.37 15.17 22.99
N GLY B 229 -13.85 14.65 21.88
CA GLY B 229 -13.18 13.37 21.90
C GLY B 229 -14.14 12.19 21.82
N GLU B 230 -15.44 12.46 21.78
CA GLU B 230 -16.41 11.38 21.74
C GLU B 230 -16.38 10.56 20.45
N ILE B 231 -16.39 11.22 19.30
CA ILE B 231 -16.35 10.50 18.04
C ILE B 231 -15.13 9.61 17.93
N LYS B 232 -14.00 10.23 17.57
CA LYS B 232 -12.72 9.58 17.39
C LYS B 232 -12.90 8.07 17.25
N SER B 233 -13.17 7.44 18.39
CA SER B 233 -13.42 6.02 18.46
C SER B 233 -13.89 5.53 17.10
N ASP B 234 -13.03 4.79 16.40
CA ASP B 234 -13.34 4.24 15.09
C ASP B 234 -13.97 5.20 14.10
N GLN B 235 -14.72 4.64 13.14
CA GLN B 235 -15.41 5.42 12.14
C GLN B 235 -16.88 5.46 12.47
N GLN B 236 -17.21 6.22 13.50
CA GLN B 236 -18.60 6.39 13.90
C GLN B 236 -18.96 7.60 13.05
N TRP B 237 -17.93 8.09 12.35
CA TRP B 237 -18.02 9.24 11.45
C TRP B 237 -18.79 8.90 10.19
N LYS B 238 -18.72 7.65 9.75
CA LYS B 238 -19.45 7.24 8.56
C LYS B 238 -20.93 7.26 8.93
N VAL B 239 -21.24 6.86 10.15
CA VAL B 239 -22.61 6.85 10.61
C VAL B 239 -23.10 8.28 10.86
N LEU B 240 -22.29 9.10 11.52
CA LEU B 240 -22.70 10.48 11.78
C LEU B 240 -22.87 11.27 10.49
N SER B 241 -21.96 11.04 9.54
CA SER B 241 -21.97 11.74 8.27
C SER B 241 -23.18 11.44 7.39
N LYS B 242 -24.07 10.57 7.86
CA LYS B 242 -25.27 10.25 7.10
C LYS B 242 -26.29 11.38 7.26
N LEU B 243 -26.16 12.14 8.33
CA LEU B 243 -27.04 13.29 8.63
C LEU B 243 -26.63 14.46 7.78
N LYS B 244 -25.32 14.70 7.73
CA LYS B 244 -24.80 15.80 6.95
C LYS B 244 -25.16 15.58 5.47
N ASN B 245 -24.93 14.38 4.97
CA ASN B 245 -25.25 14.10 3.58
C ASN B 245 -26.78 13.95 3.38
N GLY B 246 -27.49 13.61 4.44
CA GLY B 246 -28.92 13.46 4.35
C GLY B 246 -29.56 14.82 4.29
N TYR B 247 -28.98 15.74 5.06
CA TYR B 247 -29.44 17.12 5.09
C TYR B 247 -29.35 17.64 3.66
N GLN B 248 -28.15 17.55 3.11
CA GLN B 248 -27.88 18.01 1.75
C GLN B 248 -28.69 17.30 0.67
N ASP B 249 -28.82 15.99 0.76
CA ASP B 249 -29.60 15.26 -0.23
C ASP B 249 -31.07 15.66 -0.17
N SER B 250 -31.60 15.80 1.05
CA SER B 250 -32.99 16.19 1.23
C SER B 250 -33.34 17.56 0.71
N LEU B 251 -32.50 18.55 1.00
CA LEU B 251 -32.77 19.92 0.55
C LEU B 251 -32.41 20.21 -0.92
N PHE B 252 -31.27 19.70 -1.39
CA PHE B 252 -30.85 20.00 -2.74
C PHE B 252 -30.87 18.90 -3.81
N THR B 253 -30.98 17.64 -3.40
CA THR B 253 -30.97 16.53 -4.35
C THR B 253 -32.28 16.24 -5.07
N SER B 254 -33.40 16.69 -4.51
CA SER B 254 -34.70 16.51 -5.14
C SER B 254 -34.62 16.98 -6.60
N PRO B 255 -35.27 16.25 -7.53
CA PRO B 255 -35.21 16.68 -8.94
C PRO B 255 -36.00 17.94 -9.17
N GLU B 256 -36.98 18.17 -8.30
CA GLU B 256 -37.83 19.34 -8.39
C GLU B 256 -37.08 20.62 -8.01
N VAL B 257 -36.49 20.66 -6.82
CA VAL B 257 -35.77 21.87 -6.39
C VAL B 257 -34.40 21.98 -7.06
N ALA B 258 -33.76 20.84 -7.28
CA ALA B 258 -32.45 20.81 -7.92
C ALA B 258 -32.44 21.57 -9.24
N ARG B 259 -33.35 21.25 -10.15
CA ARG B 259 -33.37 21.97 -11.42
C ARG B 259 -33.64 23.45 -11.26
N ASN B 260 -34.56 23.80 -10.37
CA ASN B 260 -34.86 25.21 -10.15
C ASN B 260 -33.69 25.93 -9.49
N VAL B 261 -33.20 25.39 -8.39
CA VAL B 261 -32.10 25.98 -7.65
C VAL B 261 -30.79 26.12 -8.43
N ALA B 262 -30.50 25.16 -9.30
CA ALA B 262 -29.26 25.20 -10.07
C ALA B 262 -29.42 25.87 -11.44
N LYS B 263 -30.62 26.34 -11.75
CA LYS B 263 -30.88 26.96 -13.05
C LYS B 263 -29.75 27.88 -13.56
N PRO B 264 -29.28 28.83 -12.72
CA PRO B 264 -28.20 29.72 -13.16
C PRO B 264 -26.85 29.04 -13.43
N LEU B 265 -26.51 28.04 -12.63
CA LEU B 265 -25.26 27.33 -12.79
C LEU B 265 -25.29 26.40 -13.99
N VAL B 266 -26.48 25.88 -14.30
CA VAL B 266 -26.67 25.01 -15.45
C VAL B 266 -26.49 25.89 -16.68
N SER B 267 -27.18 27.03 -16.65
CA SER B 267 -27.14 28.01 -17.73
C SER B 267 -25.71 28.45 -18.06
N TYR B 268 -24.93 28.76 -17.02
CA TYR B 268 -23.55 29.21 -17.21
C TYR B 268 -22.69 28.12 -17.84
N ILE B 269 -22.84 26.88 -17.38
CA ILE B 269 -22.04 25.80 -17.93
C ILE B 269 -22.42 25.58 -19.38
N ASP B 270 -23.70 25.70 -19.69
CA ASP B 270 -24.18 25.51 -21.05
C ASP B 270 -23.59 26.53 -22.02
N LYS B 271 -23.53 27.79 -21.63
CA LYS B 271 -22.96 28.82 -22.50
C LYS B 271 -21.45 28.65 -22.60
N ALA B 272 -20.79 28.46 -21.47
CA ALA B 272 -19.35 28.28 -21.43
C ALA B 272 -18.87 27.03 -22.15
N LEU B 273 -19.64 25.95 -22.06
CA LEU B 273 -19.26 24.67 -22.67
C LEU B 273 -19.94 24.23 -23.97
N VAL B 274 -21.00 24.91 -24.41
CA VAL B 274 -21.63 24.48 -25.64
C VAL B 274 -22.13 25.61 -26.54
N THR B 275 -23.03 26.45 -26.05
CA THR B 275 -23.52 27.52 -26.90
C THR B 275 -22.47 28.60 -27.17
N ASP B 276 -21.63 28.89 -26.18
CA ASP B 276 -20.61 29.91 -26.37
C ASP B 276 -19.22 29.36 -26.15
N ARG B 277 -19.10 28.06 -26.37
CA ARG B 277 -17.84 27.33 -26.25
C ARG B 277 -16.70 28.13 -26.89
N THR B 278 -16.98 28.60 -28.10
CA THR B 278 -16.05 29.36 -28.91
C THR B 278 -15.47 30.63 -28.25
N SER B 279 -16.16 31.19 -27.27
CA SER B 279 -15.69 32.39 -26.59
C SER B 279 -15.05 32.13 -25.25
N ALA B 280 -15.48 31.07 -24.57
CA ALA B 280 -14.98 30.72 -23.24
C ALA B 280 -13.46 30.46 -23.14
N PRO B 281 -12.85 30.90 -22.03
CA PRO B 281 -11.41 30.72 -21.82
C PRO B 281 -11.05 29.24 -21.65
N LYS B 282 -9.89 28.88 -22.17
CA LYS B 282 -9.42 27.51 -22.06
C LYS B 282 -9.66 26.98 -20.65
N ILE B 283 -9.41 27.83 -19.66
CA ILE B 283 -9.59 27.43 -18.27
C ILE B 283 -10.53 28.35 -17.50
N THR B 284 -11.42 27.73 -16.74
CA THR B 284 -12.37 28.49 -15.94
C THR B 284 -12.51 27.91 -14.55
N VAL B 285 -12.57 28.77 -13.54
CA VAL B 285 -12.73 28.31 -12.17
C VAL B 285 -13.95 28.98 -11.56
N LEU B 286 -14.97 28.19 -11.23
CA LEU B 286 -16.20 28.69 -10.61
C LEU B 286 -16.19 28.23 -9.17
N VAL B 287 -16.10 29.17 -8.23
CA VAL B 287 -16.04 28.81 -6.82
C VAL B 287 -17.33 29.12 -6.08
N GLY B 288 -18.02 28.07 -5.65
CA GLY B 288 -19.27 28.26 -4.94
C GLY B 288 -19.41 27.49 -3.64
N HIS B 289 -20.58 26.90 -3.45
CA HIS B 289 -20.89 26.16 -2.23
C HIS B 289 -21.31 24.70 -2.51
N ASP B 290 -21.26 23.86 -1.48
CA ASP B 290 -21.62 22.46 -1.69
C ASP B 290 -23.06 22.26 -2.18
N SER B 291 -23.93 23.20 -1.86
CA SER B 291 -25.32 23.10 -2.28
C SER B 291 -25.45 23.35 -3.79
N ASN B 292 -24.39 23.92 -4.36
CA ASN B 292 -24.35 24.22 -5.79
C ASN B 292 -24.02 22.93 -6.52
N ILE B 293 -23.01 22.24 -6.01
CA ILE B 293 -22.57 20.98 -6.58
C ILE B 293 -23.72 19.98 -6.51
N ALA B 294 -24.31 19.87 -5.32
CA ALA B 294 -25.41 18.94 -5.09
C ALA B 294 -26.56 19.15 -6.07
N SER B 295 -27.02 20.39 -6.18
CA SER B 295 -28.13 20.69 -7.08
C SER B 295 -27.71 20.54 -8.53
N LEU B 296 -26.53 21.07 -8.86
CA LEU B 296 -25.99 21.00 -10.22
C LEU B 296 -25.83 19.57 -10.74
N LEU B 297 -25.33 18.68 -9.89
CA LEU B 297 -25.14 17.29 -10.28
C LEU B 297 -26.47 16.62 -10.59
N THR B 298 -27.46 16.91 -9.74
CA THR B 298 -28.79 16.35 -9.87
C THR B 298 -29.53 16.88 -11.10
N ALA B 299 -29.37 18.17 -11.36
CA ALA B 299 -30.03 18.83 -12.50
C ALA B 299 -29.60 18.23 -13.85
N LEU B 300 -28.33 17.87 -13.96
CA LEU B 300 -27.79 17.30 -15.20
C LEU B 300 -27.88 15.78 -15.17
N ASP B 301 -28.70 15.27 -14.25
CA ASP B 301 -28.93 13.85 -14.07
C ASP B 301 -27.68 12.97 -14.04
N PHE B 302 -26.76 13.27 -13.13
CA PHE B 302 -25.56 12.44 -13.03
C PHE B 302 -25.99 11.07 -12.52
N LYS B 303 -25.03 10.17 -12.36
CA LYS B 303 -25.31 8.84 -11.85
C LYS B 303 -24.74 8.76 -10.45
N PRO B 304 -25.40 8.03 -9.55
CA PRO B 304 -24.84 7.95 -8.21
C PRO B 304 -23.35 7.60 -8.23
N TYR B 305 -22.62 8.12 -7.24
CA TYR B 305 -21.18 7.89 -7.15
C TYR B 305 -20.82 7.73 -5.67
N GLN B 306 -19.53 7.66 -5.39
CA GLN B 306 -19.08 7.52 -4.01
C GLN B 306 -17.60 7.90 -3.90
N LEU B 307 -17.34 8.94 -3.11
CA LEU B 307 -15.98 9.45 -2.95
C LEU B 307 -15.18 8.72 -1.89
N HIS B 308 -14.13 8.02 -2.33
CA HIS B 308 -13.28 7.24 -1.44
C HIS B 308 -12.33 8.10 -0.63
N ASP B 309 -12.07 7.68 0.61
CA ASP B 309 -11.17 8.39 1.50
C ASP B 309 -11.83 9.71 1.93
N GLN B 310 -13.15 9.78 1.73
CA GLN B 310 -13.92 10.96 2.09
C GLN B 310 -15.28 10.60 2.70
N ASN B 311 -15.75 11.44 3.62
CA ASN B 311 -17.04 11.21 4.28
C ASN B 311 -18.13 12.14 3.80
N GLU B 312 -17.75 13.21 3.10
CA GLU B 312 -18.77 14.09 2.60
C GLU B 312 -18.93 13.89 1.11
N ARG B 313 -20.18 13.72 0.68
CA ARG B 313 -20.50 13.51 -0.73
C ARG B 313 -19.99 14.67 -1.57
N THR B 314 -19.80 15.81 -0.90
CA THR B 314 -19.30 17.04 -1.52
C THR B 314 -18.14 17.59 -0.67
N PRO B 315 -16.95 16.98 -0.77
CA PRO B 315 -15.73 17.34 -0.04
C PRO B 315 -15.44 18.84 0.08
N ILE B 316 -15.00 19.26 1.26
CA ILE B 316 -14.71 20.65 1.52
C ILE B 316 -14.07 21.38 0.35
N GLY B 317 -12.97 20.89 -0.20
CA GLY B 317 -12.38 21.63 -1.31
C GLY B 317 -12.46 20.92 -2.64
N GLY B 318 -13.29 19.89 -2.72
CA GLY B 318 -13.37 19.13 -3.95
C GLY B 318 -13.97 19.95 -5.08
N LYS B 319 -13.69 19.54 -6.30
CA LYS B 319 -14.26 20.27 -7.43
C LYS B 319 -14.63 19.39 -8.60
N ILE B 320 -15.77 19.70 -9.21
CA ILE B 320 -16.23 18.96 -10.37
C ILE B 320 -15.46 19.56 -11.54
N VAL B 321 -14.60 18.76 -12.14
CA VAL B 321 -13.77 19.22 -13.22
C VAL B 321 -14.26 18.72 -14.56
N PHE B 322 -14.90 19.60 -15.30
CA PHE B 322 -15.40 19.26 -16.61
C PHE B 322 -14.23 19.47 -17.56
N GLN B 323 -13.97 18.47 -18.41
CA GLN B 323 -12.86 18.55 -19.34
C GLN B 323 -13.26 18.14 -20.75
N ARG B 324 -13.15 19.06 -21.71
CA ARG B 324 -13.46 18.73 -23.09
C ARG B 324 -12.16 18.35 -23.78
N TRP B 325 -12.18 17.21 -24.47
CA TRP B 325 -11.03 16.74 -25.21
C TRP B 325 -11.36 16.68 -26.69
N HIS B 326 -10.38 16.29 -27.48
CA HIS B 326 -10.56 16.18 -28.91
C HIS B 326 -9.44 15.31 -29.45
N ASP B 327 -9.74 14.05 -29.72
CA ASP B 327 -8.74 13.16 -30.28
C ASP B 327 -8.64 13.46 -31.78
N SER B 328 -7.51 14.03 -32.18
CA SER B 328 -7.26 14.39 -33.57
C SER B 328 -7.55 13.28 -34.58
N LYS B 329 -7.34 12.03 -34.16
CA LYS B 329 -7.57 10.88 -35.03
C LYS B 329 -8.93 10.97 -35.71
N ALA B 330 -9.97 10.71 -34.93
CA ALA B 330 -11.36 10.76 -35.42
C ALA B 330 -11.84 12.19 -35.60
N ASN B 331 -11.06 13.13 -35.06
CA ASN B 331 -11.36 14.56 -35.15
C ASN B 331 -12.71 14.94 -34.56
N ARG B 332 -13.03 14.34 -33.42
CA ARG B 332 -14.29 14.63 -32.73
C ARG B 332 -13.93 15.06 -31.31
N ASP B 333 -14.91 15.53 -30.55
CA ASP B 333 -14.66 15.96 -29.19
C ASP B 333 -15.23 14.99 -28.15
N LEU B 334 -14.48 14.81 -27.06
CA LEU B 334 -14.89 13.92 -25.98
C LEU B 334 -14.97 14.72 -24.69
N MET B 335 -15.90 14.32 -23.83
CA MET B 335 -16.10 14.98 -22.55
C MET B 335 -15.73 14.03 -21.44
N LYS B 336 -15.07 14.54 -20.42
CA LYS B 336 -14.70 13.71 -19.29
C LYS B 336 -14.81 14.47 -17.98
N ILE B 337 -15.76 14.06 -17.15
CA ILE B 337 -16.02 14.68 -15.85
C ILE B 337 -15.37 13.88 -14.71
N GLU B 338 -14.68 14.58 -13.82
CA GLU B 338 -14.02 13.94 -12.69
C GLU B 338 -14.18 14.77 -11.44
N TYR B 339 -14.35 14.10 -10.31
CA TYR B 339 -14.46 14.80 -9.04
C TYR B 339 -13.03 14.74 -8.53
N VAL B 340 -12.40 15.90 -8.38
CA VAL B 340 -11.04 15.95 -7.85
C VAL B 340 -11.18 16.52 -6.45
N TYR B 341 -10.57 15.86 -5.47
CA TYR B 341 -10.70 16.31 -4.10
C TYR B 341 -9.60 15.73 -3.23
N GLN B 342 -9.55 16.24 -2.00
CA GLN B 342 -8.58 15.80 -1.00
C GLN B 342 -9.28 14.86 -0.04
N SER B 343 -8.68 13.71 0.25
CA SER B 343 -9.27 12.76 1.18
C SER B 343 -9.40 13.40 2.58
N ALA B 344 -9.79 12.61 3.56
CA ALA B 344 -9.94 13.15 4.92
C ALA B 344 -8.59 13.36 5.57
N GLU B 345 -7.70 12.35 5.50
CA GLU B 345 -6.38 12.49 6.11
C GLU B 345 -5.52 13.55 5.40
N GLN B 346 -5.89 13.89 4.17
CA GLN B 346 -5.15 14.89 3.42
C GLN B 346 -5.47 16.33 3.85
N LEU B 347 -6.70 16.53 4.31
CA LEU B 347 -7.11 17.84 4.79
C LEU B 347 -6.63 17.94 6.23
N ARG B 348 -6.76 16.84 6.95
CA ARG B 348 -6.35 16.77 8.34
C ARG B 348 -4.86 17.07 8.52
N ASN B 349 -4.03 16.40 7.72
CA ASN B 349 -2.58 16.59 7.81
C ASN B 349 -2.07 17.67 6.88
N ALA B 350 -2.94 18.19 6.01
CA ALA B 350 -2.50 19.22 5.09
C ALA B 350 -1.32 18.69 4.29
N ASP B 351 -1.54 17.58 3.60
CA ASP B 351 -0.50 16.97 2.79
C ASP B 351 -0.27 17.80 1.55
N ALA B 352 0.96 17.74 1.03
CA ALA B 352 1.32 18.46 -0.18
C ALA B 352 0.88 17.55 -1.31
N LEU B 353 0.25 18.13 -2.32
CA LEU B 353 -0.23 17.37 -3.46
C LEU B 353 0.56 17.62 -4.72
N THR B 354 1.05 16.55 -5.33
CA THR B 354 1.81 16.64 -6.58
C THR B 354 1.37 15.49 -7.48
N LEU B 355 1.80 15.49 -8.75
CA LEU B 355 1.43 14.41 -9.65
C LEU B 355 1.62 13.06 -8.98
N GLN B 356 2.72 12.94 -8.25
CA GLN B 356 2.97 11.73 -7.47
C GLN B 356 2.31 12.21 -6.15
N ALA B 357 1.58 11.35 -5.45
CA ALA B 357 0.90 11.79 -4.23
C ALA B 357 -0.10 12.83 -4.71
N PRO B 358 -1.01 12.44 -5.61
CA PRO B 358 -2.04 13.30 -6.19
C PRO B 358 -3.31 13.43 -5.35
N ALA B 359 -4.17 14.35 -5.75
CA ALA B 359 -5.45 14.57 -5.07
C ALA B 359 -6.28 13.33 -5.44
N GLN B 360 -7.33 13.07 -4.69
CA GLN B 360 -8.15 11.89 -5.01
C GLN B 360 -8.96 12.19 -6.25
N ARG B 361 -9.23 11.18 -7.06
CA ARG B 361 -10.00 11.39 -8.27
C ARG B 361 -11.04 10.31 -8.43
N VAL B 362 -12.16 10.66 -9.04
CA VAL B 362 -13.25 9.73 -9.30
C VAL B 362 -13.98 10.27 -10.52
N THR B 363 -14.03 9.49 -11.59
CA THR B 363 -14.74 9.99 -12.76
C THR B 363 -16.25 9.83 -12.60
N LEU B 364 -16.97 10.92 -12.83
CA LEU B 364 -18.42 10.92 -12.71
C LEU B 364 -19.01 10.58 -14.08
N GLU B 365 -20.34 10.55 -14.17
CA GLU B 365 -20.99 10.20 -15.43
C GLU B 365 -22.47 10.56 -15.45
N LEU B 366 -22.89 11.14 -16.57
CA LEU B 366 -24.28 11.54 -16.77
C LEU B 366 -25.04 10.38 -17.41
N SER B 367 -26.36 10.42 -17.29
CA SER B 367 -27.22 9.38 -17.87
C SER B 367 -27.43 9.65 -19.36
N GLY B 368 -27.21 10.90 -19.77
CA GLY B 368 -27.37 11.25 -21.16
C GLY B 368 -26.04 11.26 -21.89
N CYS B 369 -24.96 10.99 -21.15
CA CYS B 369 -23.61 10.96 -21.70
C CYS B 369 -22.88 9.72 -21.18
N PRO B 370 -23.27 8.52 -21.66
CA PRO B 370 -22.65 7.25 -21.24
C PRO B 370 -21.14 7.17 -21.54
N ILE B 371 -20.38 6.90 -20.49
CA ILE B 371 -18.93 6.81 -20.50
C ILE B 371 -18.34 5.45 -20.96
N ASP B 372 -17.11 5.50 -21.47
CA ASP B 372 -16.43 4.30 -21.93
C ASP B 372 -15.46 3.79 -20.87
N ALA B 373 -14.80 2.68 -21.17
CA ALA B 373 -13.85 2.06 -20.26
C ALA B 373 -12.86 3.05 -19.68
N ASP B 374 -12.51 4.07 -20.46
CA ASP B 374 -11.56 5.08 -20.00
C ASP B 374 -12.28 6.06 -19.09
N GLY B 375 -13.30 6.72 -19.63
CA GLY B 375 -14.04 7.68 -18.83
C GLY B 375 -14.50 8.85 -19.67
N PHE B 376 -14.44 8.66 -20.98
CA PHE B 376 -14.84 9.71 -21.88
C PHE B 376 -16.22 9.44 -22.47
N CYS B 377 -16.86 10.51 -22.90
CA CYS B 377 -18.20 10.43 -23.48
C CYS B 377 -18.26 11.30 -24.73
N PRO B 378 -19.04 10.89 -25.75
CA PRO B 378 -19.13 11.70 -26.96
C PRO B 378 -19.64 13.11 -26.65
N MET B 379 -18.78 14.09 -26.91
CA MET B 379 -19.09 15.49 -26.66
C MET B 379 -20.49 15.86 -27.09
N ASP B 380 -20.92 15.35 -28.23
CA ASP B 380 -22.25 15.66 -28.75
C ASP B 380 -23.40 15.40 -27.77
N LYS B 381 -23.34 14.28 -27.06
CA LYS B 381 -24.39 13.93 -26.09
C LYS B 381 -24.38 14.90 -24.91
N PHE B 382 -23.19 15.27 -24.47
CA PHE B 382 -23.06 16.22 -23.36
C PHE B 382 -23.89 17.45 -23.72
N ASP B 383 -23.61 18.02 -24.89
CA ASP B 383 -24.32 19.20 -25.36
C ASP B 383 -25.83 19.07 -25.25
N SER B 384 -26.36 17.92 -25.68
CA SER B 384 -27.79 17.69 -25.62
C SER B 384 -28.27 17.85 -24.19
N VAL B 385 -27.61 17.15 -23.27
CA VAL B 385 -27.93 17.19 -21.86
C VAL B 385 -27.99 18.63 -21.35
N LEU B 386 -26.93 19.39 -21.59
CA LEU B 386 -26.92 20.77 -21.14
C LEU B 386 -27.97 21.63 -21.85
N ASN B 387 -28.07 21.50 -23.18
CA ASN B 387 -29.07 22.26 -23.93
C ASN B 387 -30.48 21.84 -23.51
N GLU B 388 -30.58 20.61 -23.02
CA GLU B 388 -31.82 20.04 -22.54
C GLU B 388 -32.13 20.60 -21.16
N ALA B 389 -31.11 20.61 -20.30
CA ALA B 389 -31.24 21.09 -18.94
C ALA B 389 -31.73 22.52 -18.87
N VAL B 390 -31.21 23.35 -19.78
CA VAL B 390 -31.58 24.76 -19.87
C VAL B 390 -33.07 24.93 -20.21
N LYS B 391 -33.64 23.96 -20.90
CA LYS B 391 -35.05 24.04 -21.30
C LYS B 391 -36.04 24.14 -20.13
P XGP C . 13.97 -17.04 2.33
C1 XGP C . 15.28 -14.81 2.91
C2 XGP C . 15.46 -13.43 2.24
O2 XGP C . 16.32 -13.50 1.07
C3 XGP C . 16.06 -12.43 3.24
O3 XGP C . 16.06 -11.11 2.67
C4 XGP C . 15.23 -12.41 4.58
O4 XGP C . 15.87 -11.58 5.56
C5 XGP C . 15.12 -13.87 5.14
O5 XGP C . 14.50 -14.69 4.12
C6 XGP C . 14.23 -13.90 6.41
O6 XGP C . 14.22 -15.23 6.94
O1 XGP C . 14.54 -15.61 1.98
OP2 XGP C . 13.32 -17.60 1.12
OP3 XGP C . 15.16 -17.97 2.79
OP4 XGP C . 12.91 -16.92 3.49
P XGP D . -20.14 25.98 1.66
C1 XGP D . -22.69 25.44 2.12
C2 XGP D . -23.56 25.14 3.37
O2 XGP D . -23.30 23.82 3.88
C3 XGP D . -25.06 25.27 3.02
O3 XGP D . -25.84 25.16 4.22
C4 XGP D . -25.36 26.65 2.32
O4 XGP D . -26.73 26.70 1.88
C5 XGP D . -24.42 26.82 1.08
O5 XGP D . -23.04 26.73 1.56
C6 XGP D . -24.63 28.21 0.43
O6 XGP D . -23.81 28.31 -0.75
O1 XGP D . -21.34 25.51 2.57
OP2 XGP D . -20.08 25.06 0.37
OP3 XGP D . -18.88 25.87 2.43
OP4 XGP D . -20.36 27.48 1.24
#